data_1I5H
#
_entry.id   1I5H
#
_cell.length_a   1.000
_cell.length_b   1.000
_cell.length_c   1.000
_cell.angle_alpha   90.00
_cell.angle_beta   90.00
_cell.angle_gamma   90.00
#
_symmetry.space_group_name_H-M   'P 1'
#
loop_
_entity.id
_entity.type
_entity.pdbx_description
1 polymer 'UBIQUITIN LIGASE NEDD4'
2 polymer 'AMILORIDE-SENSITIVE SODIUM CHANNEL BETA-SUBUNIT'
#
loop_
_entity_poly.entity_id
_entity_poly.type
_entity_poly.pdbx_seq_one_letter_code
_entity_poly.pdbx_strand_id
1 'polypeptide(L)' GSPVDSNDLGPLPPGWEERTHTDGRVFFINHNIKKTQWEDPRMQNVAITG W
2 'polypeptide(L)' GSTLPIPGTPPPNYDSL B
#
# COMPACT_ATOMS: atom_id res chain seq x y z
N GLY A 1 7.86 3.40 19.91
CA GLY A 1 7.29 3.08 21.25
C GLY A 1 6.74 1.67 21.32
N SER A 2 7.12 0.93 22.36
CA SER A 2 6.67 -0.44 22.54
C SER A 2 7.20 -1.34 21.43
N PRO A 3 8.52 -1.57 21.41
CA PRO A 3 9.16 -2.43 20.40
C PRO A 3 8.69 -3.87 20.48
N VAL A 4 7.92 -4.29 19.48
CA VAL A 4 7.40 -5.65 19.44
C VAL A 4 6.97 -6.03 18.02
N ASP A 5 6.91 -7.33 17.75
CA ASP A 5 6.50 -7.82 16.44
C ASP A 5 5.00 -8.06 16.38
N SER A 6 4.24 -7.13 16.94
CA SER A 6 2.78 -7.24 16.94
C SER A 6 2.21 -6.95 15.56
N ASN A 7 2.56 -5.80 15.00
CA ASN A 7 2.08 -5.41 13.68
C ASN A 7 3.17 -4.65 12.92
N ASP A 8 4.27 -5.34 12.64
CA ASP A 8 5.39 -4.74 11.92
C ASP A 8 5.90 -5.69 10.84
N LEU A 9 6.14 -5.16 9.65
CA LEU A 9 6.64 -5.96 8.53
C LEU A 9 7.96 -5.41 8.02
N GLY A 10 8.07 -4.09 7.93
CA GLY A 10 9.29 -3.48 7.47
C GLY A 10 9.21 -3.08 6.00
N PRO A 11 9.92 -3.81 5.12
CA PRO A 11 9.92 -3.53 3.68
C PRO A 11 8.65 -4.00 2.99
N LEU A 12 7.51 -3.53 3.49
CA LEU A 12 6.21 -3.91 2.92
C LEU A 12 6.03 -5.42 2.92
N PRO A 13 4.81 -5.89 2.62
CA PRO A 13 4.49 -7.32 2.59
C PRO A 13 5.18 -8.03 1.43
N PRO A 14 4.99 -9.36 1.31
CA PRO A 14 5.60 -10.15 0.24
C PRO A 14 4.98 -9.87 -1.13
N GLY A 15 5.83 -9.67 -2.14
CA GLY A 15 5.34 -9.39 -3.47
C GLY A 15 4.97 -7.93 -3.67
N TRP A 16 5.00 -7.15 -2.60
CA TRP A 16 4.67 -5.73 -2.67
C TRP A 16 5.90 -4.88 -2.91
N GLU A 17 5.68 -3.62 -3.27
CA GLU A 17 6.77 -2.69 -3.54
C GLU A 17 6.36 -1.26 -3.23
N GLU A 18 7.30 -0.48 -2.71
CA GLU A 18 7.03 0.92 -2.38
C GLU A 18 7.40 1.83 -3.55
N ARG A 19 6.41 2.27 -4.30
CA ARG A 19 6.64 3.13 -5.45
C ARG A 19 6.23 4.57 -5.14
N THR A 20 7.00 5.53 -5.65
CA THR A 20 6.72 6.95 -5.43
C THR A 20 5.72 7.47 -6.45
N HIS A 21 4.65 8.07 -5.95
CA HIS A 21 3.61 8.63 -6.81
C HIS A 21 4.04 9.97 -7.40
N THR A 22 3.43 10.36 -8.51
CA THR A 22 3.76 11.62 -9.17
C THR A 22 3.61 12.79 -8.22
N ASP A 23 2.82 12.61 -7.17
CA ASP A 23 2.59 13.67 -6.18
C ASP A 23 3.64 13.62 -5.07
N GLY A 24 4.39 12.53 -5.00
CA GLY A 24 5.41 12.41 -3.97
C GLY A 24 5.06 11.37 -2.93
N ARG A 25 3.77 11.03 -2.84
CA ARG A 25 3.31 10.03 -1.87
C ARG A 25 3.62 8.63 -2.36
N VAL A 26 4.37 7.88 -1.55
CA VAL A 26 4.74 6.51 -1.92
C VAL A 26 3.59 5.54 -1.66
N PHE A 27 3.02 5.01 -2.73
CA PHE A 27 1.92 4.06 -2.62
C PHE A 27 2.44 2.62 -2.61
N PHE A 28 1.53 1.66 -2.44
CA PHE A 28 1.89 0.25 -2.42
C PHE A 28 1.47 -0.46 -3.70
N ILE A 29 2.25 -1.45 -4.11
CA ILE A 29 1.95 -2.21 -5.32
C ILE A 29 2.34 -3.68 -5.17
N ASN A 30 1.40 -4.57 -5.46
CA ASN A 30 1.68 -6.00 -5.35
C ASN A 30 2.11 -6.57 -6.70
N HIS A 31 2.94 -7.62 -6.67
CA HIS A 31 3.42 -8.24 -7.89
C HIS A 31 2.81 -9.62 -8.11
N ASN A 32 1.72 -9.91 -7.41
CA ASN A 32 1.06 -11.21 -7.55
C ASN A 32 0.04 -11.16 -8.68
N ILE A 33 -0.77 -10.11 -8.70
CA ILE A 33 -1.77 -9.93 -9.74
C ILE A 33 -1.70 -8.53 -10.33
N LYS A 34 -0.51 -7.94 -10.26
CA LYS A 34 -0.30 -6.59 -10.79
C LYS A 34 -1.45 -5.65 -10.45
N LYS A 35 -1.49 -5.22 -9.19
CA LYS A 35 -2.54 -4.32 -8.72
C LYS A 35 -2.05 -3.45 -7.57
N THR A 36 -1.99 -2.14 -7.82
CA THR A 36 -1.55 -1.19 -6.81
C THR A 36 -2.73 -0.58 -6.06
N GLN A 37 -2.43 0.14 -4.98
CA GLN A 37 -3.48 0.77 -4.19
C GLN A 37 -2.91 1.93 -3.37
N TRP A 38 -3.74 2.94 -3.13
CA TRP A 38 -3.34 4.11 -2.35
C TRP A 38 -3.22 3.76 -0.87
N GLU A 39 -4.18 3.01 -0.37
CA GLU A 39 -4.19 2.61 1.03
C GLU A 39 -2.97 1.78 1.37
N ASP A 40 -2.80 1.46 2.66
CA ASP A 40 -1.67 0.66 3.12
C ASP A 40 -2.11 -0.76 3.47
N PRO A 41 -1.66 -1.76 2.71
CA PRO A 41 -2.03 -3.16 2.95
C PRO A 41 -1.29 -3.76 4.14
N ARG A 42 -0.06 -3.32 4.36
CA ARG A 42 0.74 -3.82 5.47
C ARG A 42 0.24 -3.26 6.81
N MET A 43 -0.46 -2.13 6.74
CA MET A 43 -0.99 -1.50 7.95
C MET A 43 -2.32 -2.12 8.35
N GLN A 44 -3.13 -2.48 7.36
CA GLN A 44 -4.43 -3.08 7.63
C GLN A 44 -4.28 -4.54 8.04
N ASN A 45 -3.85 -4.75 9.28
CA ASN A 45 -3.65 -6.10 9.80
C ASN A 45 -3.54 -6.08 11.32
N VAL A 46 -4.23 -7.01 11.98
CA VAL A 46 -4.20 -7.10 13.43
C VAL A 46 -4.63 -8.49 13.89
N ALA A 47 -4.29 -9.50 13.10
CA ALA A 47 -4.64 -10.88 13.44
C ALA A 47 -3.92 -11.86 12.51
N ILE A 48 -3.66 -13.06 13.02
CA ILE A 48 -2.99 -14.09 12.24
C ILE A 48 -3.28 -15.48 12.79
N THR A 49 -2.69 -16.49 12.16
CA THR A 49 -2.88 -17.88 12.59
C THR A 49 -1.55 -18.58 12.78
N GLY A 50 -1.40 -19.25 13.92
CA GLY A 50 -0.16 -19.96 14.20
C GLY A 50 -0.41 -21.29 14.90
N GLY B 1 -5.56 25.38 -11.61
CA GLY B 1 -6.99 25.08 -11.30
C GLY B 1 -7.22 23.60 -11.06
N SER B 2 -6.40 23.01 -10.20
CA SER B 2 -6.53 21.59 -9.88
C SER B 2 -7.60 21.37 -8.82
N THR B 3 -7.33 21.84 -7.60
CA THR B 3 -8.26 21.70 -6.49
C THR B 3 -8.39 20.25 -6.05
N LEU B 4 -9.03 19.43 -6.88
CA LEU B 4 -9.22 18.01 -6.57
C LEU B 4 -7.88 17.34 -6.30
N PRO B 5 -7.59 16.99 -5.04
CA PRO B 5 -6.34 16.33 -4.67
C PRO B 5 -6.39 14.82 -4.88
N ILE B 6 -7.55 14.23 -4.61
CA ILE B 6 -7.73 12.79 -4.77
C ILE B 6 -8.92 12.48 -5.66
N PRO B 7 -8.67 12.13 -6.93
CA PRO B 7 -9.73 11.80 -7.89
C PRO B 7 -10.49 10.53 -7.51
N GLY B 8 -9.75 9.50 -7.14
CA GLY B 8 -10.36 8.24 -6.74
C GLY B 8 -9.66 7.03 -7.34
N THR B 9 -9.12 7.19 -8.54
CA THR B 9 -8.42 6.11 -9.20
C THR B 9 -7.08 5.81 -8.52
N PRO B 10 -6.71 4.52 -8.42
CA PRO B 10 -5.46 4.10 -7.78
C PRO B 10 -4.23 4.58 -8.56
N PRO B 11 -3.04 4.46 -7.96
CA PRO B 11 -1.78 4.88 -8.61
C PRO B 11 -1.59 4.23 -9.98
N PRO B 12 -0.43 4.48 -10.62
CA PRO B 12 -0.12 3.91 -11.94
C PRO B 12 -0.04 2.39 -11.91
N ASN B 13 -0.81 1.75 -12.78
CA ASN B 13 -0.81 0.29 -12.87
C ASN B 13 0.57 -0.23 -13.21
N TYR B 14 0.86 -1.45 -12.77
CA TYR B 14 2.17 -2.06 -13.04
C TYR B 14 2.40 -2.26 -14.53
N ASP B 15 1.32 -2.54 -15.25
CA ASP B 15 1.41 -2.75 -16.70
C ASP B 15 1.84 -1.47 -17.40
N SER B 16 1.50 -0.33 -16.82
CA SER B 16 1.85 0.97 -17.39
C SER B 16 3.19 1.45 -16.86
N LEU B 17 3.62 0.90 -15.72
CA LEU B 17 4.88 1.28 -15.12
C LEU B 17 6.06 0.73 -15.92
N GLY A 1 -3.29 -14.66 18.74
CA GLY A 1 -2.11 -15.54 18.52
C GLY A 1 -1.05 -15.35 19.59
N SER A 2 0.16 -15.01 19.17
CA SER A 2 1.26 -14.80 20.10
C SER A 2 2.37 -13.96 19.46
N PRO A 3 3.14 -13.22 20.28
CA PRO A 3 4.23 -12.39 19.79
C PRO A 3 5.18 -13.13 18.86
N VAL A 4 4.96 -12.99 17.56
CA VAL A 4 5.81 -13.66 16.57
C VAL A 4 5.68 -12.99 15.20
N ASP A 5 6.16 -11.75 15.11
CA ASP A 5 6.09 -11.00 13.86
C ASP A 5 4.68 -10.99 13.30
N SER A 6 3.69 -10.95 14.19
CA SER A 6 2.29 -10.95 13.79
C SER A 6 1.89 -9.59 13.23
N ASN A 7 2.32 -8.52 13.89
CA ASN A 7 2.00 -7.17 13.43
C ASN A 7 3.27 -6.40 13.09
N ASP A 8 4.28 -7.11 12.62
CA ASP A 8 5.55 -6.50 12.25
C ASP A 8 5.81 -6.62 10.76
N LEU A 9 6.25 -5.54 10.13
CA LEU A 9 6.54 -5.53 8.71
C LEU A 9 7.55 -4.45 8.36
N GLY A 10 8.59 -4.83 7.63
CA GLY A 10 9.62 -3.89 7.24
C GLY A 10 9.44 -3.40 5.81
N PRO A 11 10.21 -3.93 4.85
CA PRO A 11 10.11 -3.53 3.45
C PRO A 11 8.82 -4.00 2.79
N LEU A 12 7.70 -3.57 3.35
CA LEU A 12 6.40 -3.95 2.82
C LEU A 12 6.23 -5.48 2.82
N PRO A 13 5.00 -5.97 2.60
CA PRO A 13 4.72 -7.40 2.58
C PRO A 13 5.35 -8.11 1.38
N PRO A 14 5.23 -9.45 1.30
CA PRO A 14 5.79 -10.23 0.20
C PRO A 14 5.05 -9.98 -1.11
N GLY A 15 5.81 -9.63 -2.15
CA GLY A 15 5.21 -9.37 -3.45
C GLY A 15 4.85 -7.91 -3.64
N TRP A 16 4.87 -7.14 -2.55
CA TRP A 16 4.55 -5.72 -2.60
C TRP A 16 5.79 -4.88 -2.84
N GLU A 17 5.58 -3.62 -3.21
CA GLU A 17 6.69 -2.71 -3.49
C GLU A 17 6.28 -1.26 -3.22
N GLU A 18 7.21 -0.47 -2.68
CA GLU A 18 6.95 0.92 -2.38
C GLU A 18 7.41 1.83 -3.52
N ARG A 19 6.46 2.30 -4.32
CA ARG A 19 6.77 3.17 -5.45
C ARG A 19 6.33 4.60 -5.15
N THR A 20 7.00 5.57 -5.76
CA THR A 20 6.67 6.98 -5.56
C THR A 20 5.65 7.47 -6.59
N HIS A 21 4.59 8.11 -6.10
CA HIS A 21 3.55 8.64 -6.97
C HIS A 21 3.98 9.95 -7.61
N THR A 22 3.25 10.37 -8.65
CA THR A 22 3.56 11.61 -9.35
C THR A 22 3.54 12.80 -8.41
N ASP A 23 2.78 12.68 -7.32
CA ASP A 23 2.68 13.75 -6.34
C ASP A 23 3.75 13.64 -5.26
N GLY A 24 4.45 12.51 -5.22
CA GLY A 24 5.49 12.32 -4.23
C GLY A 24 5.11 11.31 -3.16
N ARG A 25 3.82 11.02 -3.04
CA ARG A 25 3.33 10.07 -2.06
C ARG A 25 3.62 8.65 -2.51
N VAL A 26 4.34 7.89 -1.70
CA VAL A 26 4.69 6.52 -2.04
C VAL A 26 3.53 5.56 -1.78
N PHE A 27 2.98 5.02 -2.86
CA PHE A 27 1.86 4.08 -2.77
C PHE A 27 2.38 2.64 -2.72
N PHE A 28 1.47 1.69 -2.54
CA PHE A 28 1.84 0.27 -2.49
C PHE A 28 1.42 -0.44 -3.77
N ILE A 29 2.19 -1.47 -4.15
CA ILE A 29 1.89 -2.25 -5.35
C ILE A 29 2.29 -3.70 -5.18
N ASN A 30 1.34 -4.61 -5.40
CA ASN A 30 1.60 -6.03 -5.28
C ASN A 30 1.94 -6.64 -6.63
N HIS A 31 2.71 -7.71 -6.62
CA HIS A 31 3.11 -8.39 -7.85
C HIS A 31 2.30 -9.66 -8.09
N ASN A 32 1.55 -10.10 -7.08
CA ASN A 32 0.73 -11.31 -7.21
C ASN A 32 -0.24 -11.17 -8.38
N ILE A 33 -0.95 -10.06 -8.42
CA ILE A 33 -1.90 -9.80 -9.50
C ILE A 33 -1.70 -8.41 -10.08
N LYS A 34 -0.48 -7.89 -9.95
CA LYS A 34 -0.15 -6.56 -10.46
C LYS A 34 -1.27 -5.55 -10.23
N LYS A 35 -1.35 -5.03 -9.00
CA LYS A 35 -2.38 -4.06 -8.65
C LYS A 35 -1.90 -3.14 -7.53
N THR A 36 -1.91 -1.84 -7.80
CA THR A 36 -1.48 -0.85 -6.81
C THR A 36 -2.67 -0.29 -6.04
N GLN A 37 -2.39 0.40 -4.94
CA GLN A 37 -3.46 0.97 -4.12
C GLN A 37 -2.91 2.10 -3.25
N TRP A 38 -3.76 3.08 -2.98
CA TRP A 38 -3.39 4.22 -2.15
C TRP A 38 -3.28 3.83 -0.68
N GLU A 39 -4.23 3.00 -0.23
CA GLU A 39 -4.26 2.55 1.17
C GLU A 39 -2.99 1.76 1.51
N ASP A 40 -2.95 1.26 2.74
CA ASP A 40 -1.80 0.50 3.21
C ASP A 40 -2.18 -0.97 3.44
N PRO A 41 -1.60 -1.91 2.67
CA PRO A 41 -1.91 -3.33 2.82
C PRO A 41 -1.20 -3.97 4.02
N ARG A 42 0.00 -3.50 4.31
CA ARG A 42 0.78 -4.03 5.43
C ARG A 42 0.21 -3.58 6.77
N MET A 43 -0.63 -2.55 6.75
CA MET A 43 -1.23 -2.04 7.98
C MET A 43 -2.44 -2.86 8.39
N GLN A 44 -2.97 -3.66 7.47
CA GLN A 44 -4.13 -4.49 7.74
C GLN A 44 -3.71 -5.91 8.12
N ASN A 45 -2.98 -6.02 9.23
CA ASN A 45 -2.51 -7.33 9.69
C ASN A 45 -3.64 -8.10 10.37
N VAL A 46 -4.02 -7.66 11.57
CA VAL A 46 -5.08 -8.31 12.32
C VAL A 46 -5.68 -7.36 13.36
N ALA A 47 -5.88 -6.11 12.97
CA ALA A 47 -6.45 -5.12 13.87
C ALA A 47 -6.84 -3.85 13.11
N ILE A 48 -7.53 -2.95 13.79
CA ILE A 48 -7.97 -1.70 13.18
C ILE A 48 -8.22 -0.63 14.23
N THR A 49 -9.30 -0.80 14.99
CA THR A 49 -9.66 0.16 16.03
C THR A 49 -8.80 -0.04 17.28
N GLY A 50 -8.13 1.03 17.70
CA GLY A 50 -7.28 0.95 18.87
C GLY A 50 -6.00 1.74 18.71
N GLY B 1 -11.46 19.80 -4.86
CA GLY B 1 -11.65 20.39 -3.50
C GLY B 1 -10.56 19.97 -2.53
N SER B 2 -10.61 20.52 -1.32
CA SER B 2 -9.62 20.21 -0.30
C SER B 2 -9.77 18.77 0.19
N THR B 3 -11.02 18.34 0.34
CA THR B 3 -11.30 16.98 0.80
C THR B 3 -10.80 15.94 -0.21
N LEU B 4 -11.35 16.00 -1.42
CA LEU B 4 -10.97 15.07 -2.47
C LEU B 4 -10.99 13.63 -1.97
N PRO B 5 -12.17 13.17 -1.49
CA PRO B 5 -12.33 11.80 -0.98
C PRO B 5 -12.23 10.76 -2.09
N ILE B 6 -12.66 11.13 -3.29
CA ILE B 6 -12.63 10.23 -4.43
C ILE B 6 -11.64 10.71 -5.49
N PRO B 7 -10.36 10.33 -5.37
CA PRO B 7 -9.32 10.74 -6.32
C PRO B 7 -9.60 10.24 -7.74
N GLY B 8 -10.12 9.02 -7.83
CA GLY B 8 -10.43 8.44 -9.12
C GLY B 8 -9.99 7.00 -9.23
N THR B 9 -8.83 6.76 -9.83
CA THR B 9 -8.30 5.42 -9.99
C THR B 9 -6.99 5.25 -9.25
N PRO B 10 -6.64 3.99 -8.90
CA PRO B 10 -5.40 3.69 -8.18
C PRO B 10 -4.15 4.23 -8.90
N PRO B 11 -3.04 4.40 -8.18
CA PRO B 11 -1.80 4.91 -8.75
C PRO B 11 -1.44 4.20 -10.05
N PRO B 12 -0.36 4.66 -10.72
CA PRO B 12 0.09 4.06 -11.99
C PRO B 12 0.19 2.55 -11.91
N ASN B 13 -0.60 1.85 -12.72
CA ASN B 13 -0.59 0.39 -12.74
C ASN B 13 0.79 -0.13 -13.10
N TYR B 14 1.12 -1.32 -12.63
CA TYR B 14 2.42 -1.93 -12.92
C TYR B 14 2.61 -2.12 -14.42
N ASP B 15 1.53 -2.48 -15.10
CA ASP B 15 1.59 -2.68 -16.54
C ASP B 15 1.88 -1.36 -17.26
N SER B 16 1.52 -0.26 -16.61
CA SER B 16 1.73 1.07 -17.18
C SER B 16 3.05 1.67 -16.69
N LEU B 17 3.58 1.13 -15.60
CA LEU B 17 4.83 1.61 -15.03
C LEU B 17 6.01 1.19 -15.90
N GLY A 1 -0.90 -11.13 29.03
CA GLY A 1 -0.95 -10.89 27.57
C GLY A 1 -0.99 -9.42 27.22
N SER A 2 -0.09 -8.99 26.35
CA SER A 2 -0.02 -7.60 25.94
C SER A 2 0.57 -7.48 24.54
N PRO A 3 0.08 -6.50 23.74
CA PRO A 3 0.57 -6.28 22.38
C PRO A 3 1.96 -5.65 22.36
N VAL A 4 2.98 -6.48 22.48
CA VAL A 4 4.37 -6.00 22.48
C VAL A 4 4.85 -5.71 21.07
N ASP A 5 4.42 -6.52 20.11
CA ASP A 5 4.83 -6.36 18.72
C ASP A 5 3.80 -6.96 17.77
N SER A 6 2.66 -6.29 17.62
CA SER A 6 1.61 -6.75 16.74
C SER A 6 1.97 -6.52 15.28
N ASN A 7 2.11 -5.25 14.90
CA ASN A 7 2.47 -4.89 13.53
C ASN A 7 3.99 -4.74 13.39
N ASP A 8 4.52 -5.30 12.32
CA ASP A 8 5.96 -5.23 12.07
C ASP A 8 6.34 -6.05 10.83
N LEU A 9 6.27 -5.41 9.66
CA LEU A 9 6.61 -6.09 8.41
C LEU A 9 7.93 -5.56 7.84
N GLY A 10 8.14 -4.25 8.00
CA GLY A 10 9.36 -3.64 7.50
C GLY A 10 9.24 -3.20 6.05
N PRO A 11 9.98 -3.84 5.13
CA PRO A 11 9.93 -3.48 3.71
C PRO A 11 8.67 -3.98 3.02
N LEU A 12 7.52 -3.52 3.52
CA LEU A 12 6.23 -3.93 2.96
C LEU A 12 6.10 -5.45 2.96
N PRO A 13 4.90 -5.96 2.64
CA PRO A 13 4.65 -7.41 2.60
C PRO A 13 5.29 -8.07 1.38
N PRO A 14 5.32 -9.42 1.36
CA PRO A 14 5.92 -10.16 0.24
C PRO A 14 5.16 -9.93 -1.06
N GLY A 15 5.92 -9.61 -2.11
CA GLY A 15 5.30 -9.34 -3.40
C GLY A 15 4.94 -7.88 -3.59
N TRP A 16 4.94 -7.12 -2.49
CA TRP A 16 4.61 -5.70 -2.54
C TRP A 16 5.86 -4.85 -2.74
N GLU A 17 5.66 -3.60 -3.16
CA GLU A 17 6.76 -2.69 -3.39
C GLU A 17 6.34 -1.24 -3.15
N GLU A 18 7.27 -0.44 -2.64
CA GLU A 18 6.99 0.96 -2.36
C GLU A 18 7.39 1.84 -3.54
N ARG A 19 6.41 2.27 -4.32
CA ARG A 19 6.66 3.12 -5.48
C ARG A 19 6.34 4.58 -5.16
N THR A 20 7.07 5.49 -5.80
CA THR A 20 6.88 6.92 -5.57
C THR A 20 5.90 7.51 -6.58
N HIS A 21 4.84 8.14 -6.09
CA HIS A 21 3.84 8.75 -6.94
C HIS A 21 4.30 10.11 -7.47
N THR A 22 3.73 10.54 -8.58
CA THR A 22 4.08 11.82 -9.18
C THR A 22 3.89 12.97 -8.20
N ASP A 23 3.05 12.76 -7.19
CA ASP A 23 2.77 13.77 -6.19
C ASP A 23 3.77 13.70 -5.03
N GLY A 24 4.51 12.60 -4.95
CA GLY A 24 5.49 12.44 -3.90
C GLY A 24 5.08 11.39 -2.87
N ARG A 25 3.79 11.05 -2.86
CA ARG A 25 3.28 10.05 -1.94
C ARG A 25 3.61 8.65 -2.43
N VAL A 26 4.34 7.90 -1.63
CA VAL A 26 4.73 6.55 -2.00
C VAL A 26 3.58 5.56 -1.80
N PHE A 27 3.06 5.05 -2.92
CA PHE A 27 1.95 4.10 -2.87
C PHE A 27 2.47 2.66 -2.82
N PHE A 28 1.55 1.71 -2.68
CA PHE A 28 1.92 0.29 -2.61
C PHE A 28 1.55 -0.43 -3.90
N ILE A 29 2.31 -1.47 -4.23
CA ILE A 29 2.06 -2.24 -5.44
C ILE A 29 2.43 -3.71 -5.24
N ASN A 30 1.47 -4.60 -5.46
CA ASN A 30 1.72 -6.03 -5.30
C ASN A 30 2.07 -6.68 -6.64
N HIS A 31 2.93 -7.69 -6.59
CA HIS A 31 3.35 -8.39 -7.80
C HIS A 31 2.59 -9.71 -8.00
N ASN A 32 1.79 -10.09 -7.01
CA ASN A 32 1.02 -11.34 -7.11
C ASN A 32 0.07 -11.29 -8.30
N ILE A 33 -0.66 -10.18 -8.42
CA ILE A 33 -1.60 -10.02 -9.52
C ILE A 33 -1.37 -8.68 -10.22
N LYS A 34 -0.14 -8.18 -10.15
CA LYS A 34 0.22 -6.90 -10.77
C LYS A 34 -0.85 -5.84 -10.54
N LYS A 35 -0.83 -5.23 -9.36
CA LYS A 35 -1.80 -4.20 -9.02
C LYS A 35 -1.21 -3.20 -8.02
N THR A 36 -1.92 -2.09 -7.82
CA THR A 36 -1.46 -1.06 -6.90
C THR A 36 -2.64 -0.42 -6.17
N GLN A 37 -2.37 0.27 -5.07
CA GLN A 37 -3.42 0.92 -4.29
C GLN A 37 -2.85 2.06 -3.44
N TRP A 38 -3.68 3.07 -3.21
CA TRP A 38 -3.26 4.22 -2.41
C TRP A 38 -3.19 3.86 -0.93
N GLU A 39 -4.16 3.08 -0.47
CA GLU A 39 -4.20 2.66 0.93
C GLU A 39 -2.99 1.82 1.29
N ASP A 40 -2.88 1.45 2.56
CA ASP A 40 -1.77 0.64 3.04
C ASP A 40 -2.21 -0.80 3.29
N PRO A 41 -1.73 -1.76 2.46
CA PRO A 41 -2.09 -3.16 2.61
C PRO A 41 -1.43 -3.81 3.82
N ARG A 42 -0.24 -3.34 4.16
CA ARG A 42 0.50 -3.87 5.30
C ARG A 42 -0.11 -3.40 6.62
N MET A 43 -0.96 -2.39 6.56
CA MET A 43 -1.61 -1.86 7.76
C MET A 43 -2.83 -2.69 8.13
N GLN A 44 -3.45 -3.29 7.13
CA GLN A 44 -4.64 -4.11 7.35
C GLN A 44 -4.24 -5.55 7.64
N ASN A 45 -3.56 -5.76 8.77
CA ASN A 45 -3.12 -7.08 9.17
C ASN A 45 -4.28 -7.91 9.74
N VAL A 46 -4.85 -7.43 10.84
CA VAL A 46 -5.96 -8.12 11.47
C VAL A 46 -6.75 -7.19 12.39
N ALA A 47 -7.59 -6.35 11.78
CA ALA A 47 -8.41 -5.41 12.54
C ALA A 47 -9.48 -4.79 11.64
N ILE A 48 -10.51 -5.55 11.34
CA ILE A 48 -11.60 -5.08 10.50
C ILE A 48 -12.88 -5.88 10.74
N THR A 49 -13.28 -5.98 12.01
CA THR A 49 -14.48 -6.70 12.37
C THR A 49 -15.73 -6.03 11.81
N GLY A 50 -16.40 -6.71 10.88
CA GLY A 50 -17.59 -6.16 10.27
C GLY A 50 -17.68 -6.46 8.79
N GLY B 1 -7.31 -10.56 1.73
CA GLY B 1 -8.09 -9.34 2.09
C GLY B 1 -7.83 -8.18 1.15
N SER B 2 -8.82 -7.31 0.99
CA SER B 2 -8.69 -6.16 0.12
C SER B 2 -9.74 -5.10 0.46
N THR B 3 -11.01 -5.51 0.47
CA THR B 3 -12.10 -4.61 0.78
C THR B 3 -12.29 -3.57 -0.32
N LEU B 4 -11.30 -2.70 -0.48
CA LEU B 4 -11.37 -1.65 -1.50
C LEU B 4 -12.60 -0.77 -1.30
N PRO B 5 -12.69 -0.08 -0.16
CA PRO B 5 -13.82 0.80 0.16
C PRO B 5 -13.84 2.06 -0.70
N ILE B 6 -12.66 2.53 -1.07
CA ILE B 6 -12.54 3.73 -1.89
C ILE B 6 -11.60 3.51 -3.06
N PRO B 7 -12.09 2.85 -4.13
CA PRO B 7 -11.28 2.58 -5.33
C PRO B 7 -10.87 3.84 -6.06
N GLY B 8 -11.79 4.81 -6.14
CA GLY B 8 -11.54 6.08 -6.82
C GLY B 8 -10.61 5.96 -8.01
N THR B 9 -9.33 6.26 -7.79
CA THR B 9 -8.34 6.18 -8.86
C THR B 9 -6.99 5.71 -8.33
N PRO B 10 -6.75 4.39 -8.33
CA PRO B 10 -5.50 3.80 -7.83
C PRO B 10 -4.28 4.35 -8.57
N PRO B 11 -3.11 4.36 -7.91
CA PRO B 11 -1.87 4.86 -8.50
C PRO B 11 -1.57 4.21 -9.85
N PRO B 12 -0.39 4.49 -10.44
CA PRO B 12 0.01 3.93 -11.72
C PRO B 12 -0.01 2.40 -11.72
N ASN B 13 -0.91 1.82 -12.51
CA ASN B 13 -1.02 0.37 -12.60
C ASN B 13 0.30 -0.25 -13.07
N TYR B 14 0.53 -1.49 -12.68
CA TYR B 14 1.77 -2.19 -13.06
C TYR B 14 1.90 -2.26 -14.58
N ASP B 15 0.76 -2.41 -15.25
CA ASP B 15 0.75 -2.48 -16.70
C ASP B 15 1.22 -1.17 -17.31
N SER B 16 1.03 -0.08 -16.57
CA SER B 16 1.44 1.24 -17.02
C SER B 16 2.84 1.59 -16.49
N LEU B 17 3.23 0.95 -15.40
CA LEU B 17 4.54 1.19 -14.81
C LEU B 17 5.65 0.57 -15.66
N GLY A 1 13.59 0.51 21.12
CA GLY A 1 12.67 1.39 20.33
C GLY A 1 11.40 0.68 19.91
N SER A 2 11.54 -0.31 19.03
CA SER A 2 10.38 -1.06 18.55
C SER A 2 9.70 -1.79 19.71
N PRO A 3 8.38 -2.00 19.61
CA PRO A 3 7.62 -2.69 20.66
C PRO A 3 7.93 -4.17 20.72
N VAL A 4 7.32 -4.86 21.68
CA VAL A 4 7.55 -6.30 21.86
C VAL A 4 6.73 -7.10 20.85
N ASP A 5 5.64 -6.50 20.36
CA ASP A 5 4.78 -7.17 19.39
C ASP A 5 3.68 -6.23 18.91
N SER A 6 3.48 -6.18 17.60
CA SER A 6 2.46 -5.33 17.00
C SER A 6 2.21 -5.71 15.54
N ASN A 7 3.27 -5.66 14.74
CA ASN A 7 3.17 -6.00 13.32
C ASN A 7 4.52 -6.47 12.78
N ASP A 8 5.44 -5.51 12.60
CA ASP A 8 6.77 -5.81 12.09
C ASP A 8 6.68 -6.67 10.82
N LEU A 9 6.67 -5.99 9.67
CA LEU A 9 6.60 -6.69 8.39
C LEU A 9 7.86 -6.46 7.57
N GLY A 10 8.54 -5.34 7.82
CA GLY A 10 9.75 -5.03 7.09
C GLY A 10 9.48 -4.28 5.80
N PRO A 11 10.31 -4.46 4.77
CA PRO A 11 10.14 -3.79 3.48
C PRO A 11 8.86 -4.20 2.77
N LEU A 12 7.72 -3.76 3.31
CA LEU A 12 6.43 -4.09 2.73
C LEU A 12 6.17 -5.59 2.81
N PRO A 13 4.93 -6.02 2.51
CA PRO A 13 4.55 -7.43 2.53
C PRO A 13 5.19 -8.22 1.39
N PRO A 14 4.93 -9.54 1.33
CA PRO A 14 5.48 -10.40 0.28
C PRO A 14 4.81 -10.13 -1.06
N GLY A 15 5.60 -9.80 -2.07
CA GLY A 15 5.06 -9.52 -3.37
C GLY A 15 4.52 -8.11 -3.46
N TRP A 16 5.23 -7.17 -2.82
CA TRP A 16 4.84 -5.77 -2.81
C TRP A 16 6.05 -4.87 -3.02
N GLU A 17 5.78 -3.61 -3.37
CA GLU A 17 6.85 -2.65 -3.60
C GLU A 17 6.39 -1.23 -3.29
N GLU A 18 7.32 -0.40 -2.83
CA GLU A 18 7.01 1.00 -2.51
C GLU A 18 7.35 1.91 -3.69
N ARG A 19 6.32 2.33 -4.42
CA ARG A 19 6.50 3.20 -5.57
C ARG A 19 6.19 4.65 -5.22
N THR A 20 6.89 5.59 -5.85
CA THR A 20 6.69 7.01 -5.59
C THR A 20 5.69 7.62 -6.57
N HIS A 21 4.64 8.23 -6.04
CA HIS A 21 3.61 8.87 -6.87
C HIS A 21 4.09 10.22 -7.38
N THR A 22 3.47 10.69 -8.47
CA THR A 22 3.82 11.97 -9.06
C THR A 22 3.67 13.11 -8.05
N ASP A 23 2.86 12.89 -7.02
CA ASP A 23 2.64 13.91 -6.00
C ASP A 23 3.67 13.81 -4.88
N GLY A 24 4.40 12.70 -4.84
CA GLY A 24 5.41 12.51 -3.81
C GLY A 24 5.01 11.46 -2.79
N ARG A 25 3.73 11.14 -2.73
CA ARG A 25 3.23 10.14 -1.80
C ARG A 25 3.52 8.74 -2.32
N VAL A 26 4.33 7.98 -1.57
CA VAL A 26 4.68 6.63 -1.98
C VAL A 26 3.56 5.64 -1.68
N PHE A 27 2.94 5.14 -2.74
CA PHE A 27 1.86 4.17 -2.61
C PHE A 27 2.39 2.74 -2.61
N PHE A 28 1.48 1.77 -2.48
CA PHE A 28 1.87 0.36 -2.47
C PHE A 28 1.43 -0.34 -3.75
N ILE A 29 2.18 -1.37 -4.13
CA ILE A 29 1.87 -2.15 -5.34
C ILE A 29 2.25 -3.62 -5.14
N ASN A 30 1.35 -4.52 -5.49
CA ASN A 30 1.61 -5.95 -5.34
C ASN A 30 2.11 -6.54 -6.66
N HIS A 31 2.74 -7.71 -6.58
CA HIS A 31 3.27 -8.38 -7.77
C HIS A 31 2.65 -9.77 -7.94
N ASN A 32 1.52 -10.01 -7.31
CA ASN A 32 0.84 -11.30 -7.41
C ASN A 32 -0.15 -11.30 -8.58
N ILE A 33 -0.92 -10.23 -8.69
CA ILE A 33 -1.90 -10.09 -9.75
C ILE A 33 -1.78 -8.73 -10.42
N LYS A 34 -0.56 -8.18 -10.40
CA LYS A 34 -0.29 -6.87 -10.99
C LYS A 34 -1.37 -5.86 -10.64
N LYS A 35 -1.26 -5.27 -9.46
CA LYS A 35 -2.22 -4.28 -8.99
C LYS A 35 -1.57 -3.29 -8.04
N THR A 36 -2.27 -2.19 -7.77
CA THR A 36 -1.76 -1.17 -6.86
C THR A 36 -2.89 -0.53 -6.06
N GLN A 37 -2.54 0.16 -4.99
CA GLN A 37 -3.55 0.80 -4.14
C GLN A 37 -2.92 1.93 -3.31
N TRP A 38 -3.70 2.98 -3.09
CA TRP A 38 -3.25 4.12 -2.32
C TRP A 38 -3.14 3.78 -0.84
N GLU A 39 -4.08 2.97 -0.35
CA GLU A 39 -4.10 2.56 1.05
C GLU A 39 -2.85 1.77 1.42
N ASP A 40 -2.69 1.51 2.71
CA ASP A 40 -1.54 0.76 3.21
C ASP A 40 -1.92 -0.69 3.48
N PRO A 41 -1.51 -1.62 2.59
CA PRO A 41 -1.83 -3.04 2.75
C PRO A 41 -1.12 -3.66 3.96
N ARG A 42 0.11 -3.21 4.20
CA ARG A 42 0.89 -3.73 5.33
C ARG A 42 0.39 -3.17 6.66
N MET A 43 -0.45 -2.13 6.60
CA MET A 43 -1.00 -1.53 7.81
C MET A 43 -2.21 -2.30 8.31
N GLN A 44 -3.00 -2.82 7.37
CA GLN A 44 -4.20 -3.58 7.71
C GLN A 44 -3.86 -4.75 8.64
N ASN A 45 -4.49 -4.77 9.81
CA ASN A 45 -4.25 -5.83 10.78
C ASN A 45 -5.37 -5.87 11.82
N VAL A 46 -5.29 -4.96 12.79
CA VAL A 46 -6.30 -4.89 13.84
C VAL A 46 -6.19 -6.07 14.79
N ALA A 47 -4.96 -6.43 15.15
CA ALA A 47 -4.70 -7.56 16.05
C ALA A 47 -5.64 -8.74 15.79
N ILE A 48 -5.78 -9.62 16.77
CA ILE A 48 -6.64 -10.78 16.64
C ILE A 48 -6.25 -11.62 15.42
N THR A 49 -4.95 -11.72 15.18
CA THR A 49 -4.45 -12.49 14.05
C THR A 49 -4.39 -13.98 14.38
N GLY A 50 -4.88 -14.80 13.45
CA GLY A 50 -4.88 -16.24 13.66
C GLY A 50 -4.53 -17.01 12.39
N GLY B 1 -5.78 15.50 9.90
CA GLY B 1 -6.63 14.42 9.35
C GLY B 1 -7.16 14.75 7.96
N SER B 2 -6.81 13.91 6.99
CA SER B 2 -7.25 14.12 5.61
C SER B 2 -8.46 13.25 5.30
N THR B 3 -8.50 12.06 5.90
CA THR B 3 -9.61 11.13 5.68
C THR B 3 -9.48 10.43 4.33
N LEU B 4 -9.65 11.17 3.25
CA LEU B 4 -9.55 10.62 1.91
C LEU B 4 -10.50 9.44 1.74
N PRO B 5 -11.82 9.67 1.86
CA PRO B 5 -12.83 8.62 1.73
C PRO B 5 -13.05 8.20 0.28
N ILE B 6 -12.91 9.15 -0.64
CA ILE B 6 -13.09 8.87 -2.06
C ILE B 6 -11.93 9.38 -2.88
N PRO B 7 -10.85 8.60 -2.99
CA PRO B 7 -9.66 8.98 -3.77
C PRO B 7 -9.96 9.19 -5.24
N GLY B 8 -10.46 8.14 -5.89
CA GLY B 8 -10.79 8.22 -7.30
C GLY B 8 -10.34 6.99 -8.07
N THR B 9 -9.07 6.98 -8.46
CA THR B 9 -8.52 5.86 -9.21
C THR B 9 -7.13 5.47 -8.67
N PRO B 10 -6.85 4.16 -8.59
CA PRO B 10 -5.55 3.67 -8.10
C PRO B 10 -4.37 4.28 -8.84
N PRO B 11 -3.20 4.37 -8.19
CA PRO B 11 -1.99 4.95 -8.80
C PRO B 11 -1.63 4.26 -10.11
N PRO B 12 -0.47 4.59 -10.68
CA PRO B 12 -0.01 4.00 -11.95
C PRO B 12 0.04 2.48 -11.89
N ASN B 13 -0.73 1.83 -12.77
CA ASN B 13 -0.78 0.38 -12.82
C ASN B 13 0.61 -0.21 -13.08
N TYR B 14 0.83 -1.43 -12.59
CA TYR B 14 2.11 -2.09 -12.78
C TYR B 14 2.39 -2.35 -14.26
N ASP B 15 1.33 -2.64 -15.01
CA ASP B 15 1.46 -2.90 -16.44
C ASP B 15 1.94 -1.64 -17.17
N SER B 16 1.66 -0.48 -16.58
CA SER B 16 2.07 0.79 -17.17
C SER B 16 3.36 1.29 -16.54
N LEU B 17 3.64 0.84 -15.32
CA LEU B 17 4.86 1.24 -14.61
C LEU B 17 6.08 0.57 -15.22
N GLY A 1 4.12 9.23 18.56
CA GLY A 1 5.35 8.83 19.30
C GLY A 1 6.14 7.76 18.56
N SER A 2 5.54 6.59 18.40
CA SER A 2 6.20 5.49 17.71
C SER A 2 5.34 4.22 17.79
N PRO A 3 4.97 3.81 19.01
CA PRO A 3 4.15 2.61 19.22
C PRO A 3 2.91 2.58 18.32
N VAL A 4 2.60 1.41 17.78
CA VAL A 4 1.44 1.25 16.91
C VAL A 4 1.36 2.36 15.86
N ASP A 5 0.25 2.39 15.12
CA ASP A 5 0.05 3.40 14.10
C ASP A 5 1.19 3.40 13.08
N SER A 6 1.81 2.23 12.88
CA SER A 6 2.91 2.10 11.94
C SER A 6 3.20 0.63 11.65
N ASN A 7 3.24 -0.18 12.70
CA ASN A 7 3.53 -1.60 12.56
C ASN A 7 4.96 -1.82 12.06
N ASP A 8 5.61 -2.86 12.57
CA ASP A 8 6.98 -3.17 12.19
C ASP A 8 7.03 -4.43 11.33
N LEU A 9 6.62 -4.30 10.08
CA LEU A 9 6.62 -5.43 9.16
C LEU A 9 7.90 -5.45 8.32
N GLY A 10 8.49 -4.28 8.13
CA GLY A 10 9.71 -4.18 7.35
C GLY A 10 9.49 -3.59 5.97
N PRO A 11 10.27 -4.02 4.97
CA PRO A 11 10.14 -3.53 3.60
C PRO A 11 8.88 -4.03 2.90
N LEU A 12 7.73 -3.60 3.40
CA LEU A 12 6.45 -4.00 2.83
C LEU A 12 6.31 -5.52 2.82
N PRO A 13 5.09 -6.03 2.56
CA PRO A 13 4.82 -7.46 2.53
C PRO A 13 5.42 -8.13 1.28
N PRO A 14 5.28 -9.47 1.17
CA PRO A 14 5.81 -10.22 0.03
C PRO A 14 5.07 -9.91 -1.27
N GLY A 15 5.82 -9.65 -2.33
CA GLY A 15 5.20 -9.34 -3.61
C GLY A 15 4.84 -7.88 -3.76
N TRP A 16 4.91 -7.14 -2.65
CA TRP A 16 4.59 -5.71 -2.66
C TRP A 16 5.83 -4.86 -2.92
N GLU A 17 5.61 -3.61 -3.27
CA GLU A 17 6.70 -2.69 -3.55
C GLU A 17 6.30 -1.24 -3.25
N GLU A 18 7.26 -0.46 -2.75
CA GLU A 18 7.00 0.94 -2.43
C GLU A 18 7.39 1.84 -3.59
N ARG A 19 6.39 2.31 -4.33
CA ARG A 19 6.63 3.18 -5.48
C ARG A 19 6.21 4.62 -5.15
N THR A 20 6.96 5.58 -5.68
CA THR A 20 6.67 6.99 -5.44
C THR A 20 5.68 7.54 -6.47
N HIS A 21 4.62 8.16 -5.98
CA HIS A 21 3.59 8.73 -6.86
C HIS A 21 4.06 10.06 -7.44
N THR A 22 3.40 10.49 -8.52
CA THR A 22 3.73 11.75 -9.17
C THR A 22 3.64 12.92 -8.20
N ASP A 23 2.86 12.75 -7.14
CA ASP A 23 2.69 13.80 -6.15
C ASP A 23 3.75 13.72 -5.04
N GLY A 24 4.49 12.60 -5.00
CA GLY A 24 5.52 12.44 -4.00
C GLY A 24 5.16 11.40 -2.97
N ARG A 25 3.87 11.08 -2.86
CA ARG A 25 3.39 10.09 -1.90
C ARG A 25 3.67 8.68 -2.41
N VAL A 26 4.43 7.92 -1.64
CA VAL A 26 4.77 6.54 -2.01
C VAL A 26 3.63 5.58 -1.71
N PHE A 27 3.01 5.06 -2.76
CA PHE A 27 1.90 4.11 -2.61
C PHE A 27 2.42 2.67 -2.61
N PHE A 28 1.50 1.72 -2.47
CA PHE A 28 1.87 0.30 -2.44
C PHE A 28 1.45 -0.39 -3.74
N ILE A 29 2.19 -1.43 -4.13
CA ILE A 29 1.87 -2.18 -5.34
C ILE A 29 2.28 -3.65 -5.20
N ASN A 30 1.32 -4.54 -5.43
CA ASN A 30 1.60 -5.97 -5.33
C ASN A 30 1.93 -6.57 -6.70
N HIS A 31 2.73 -7.63 -6.69
CA HIS A 31 3.13 -8.29 -7.93
C HIS A 31 2.36 -9.61 -8.14
N ASN A 32 1.60 -10.03 -7.15
CA ASN A 32 0.84 -11.27 -7.25
C ASN A 32 -0.13 -11.22 -8.43
N ILE A 33 -0.86 -10.11 -8.53
CA ILE A 33 -1.82 -9.93 -9.60
C ILE A 33 -1.65 -8.57 -10.28
N LYS A 34 -0.41 -8.07 -10.25
CA LYS A 34 -0.09 -6.78 -10.87
C LYS A 34 -1.17 -5.74 -10.55
N LYS A 35 -1.10 -5.17 -9.36
CA LYS A 35 -2.07 -4.17 -8.94
C LYS A 35 -1.43 -3.17 -7.97
N THR A 36 -2.14 -2.07 -7.72
CA THR A 36 -1.66 -1.03 -6.81
C THR A 36 -2.81 -0.43 -6.03
N GLN A 37 -2.49 0.28 -4.95
CA GLN A 37 -3.51 0.90 -4.11
C GLN A 37 -2.93 2.04 -3.30
N TRP A 38 -3.73 3.08 -3.09
CA TRP A 38 -3.31 4.25 -2.33
C TRP A 38 -3.19 3.91 -0.84
N GLU A 39 -4.15 3.13 -0.34
CA GLU A 39 -4.16 2.73 1.05
C GLU A 39 -2.91 1.94 1.42
N ASP A 40 -2.89 1.41 2.63
CA ASP A 40 -1.75 0.62 3.10
C ASP A 40 -2.18 -0.83 3.37
N PRO A 41 -1.65 -1.79 2.59
CA PRO A 41 -1.99 -3.20 2.77
C PRO A 41 -1.35 -3.81 4.01
N ARG A 42 -0.12 -3.40 4.30
CA ARG A 42 0.60 -3.90 5.46
C ARG A 42 0.05 -3.30 6.76
N MET A 43 -0.58 -2.13 6.65
CA MET A 43 -1.14 -1.45 7.80
C MET A 43 -2.54 -1.97 8.12
N GLN A 44 -3.21 -2.52 7.11
CA GLN A 44 -4.56 -3.03 7.28
C GLN A 44 -4.58 -4.20 8.27
N ASN A 45 -4.61 -3.87 9.56
CA ASN A 45 -4.63 -4.90 10.60
C ASN A 45 -5.03 -4.29 11.94
N VAL A 46 -4.42 -3.15 12.28
CA VAL A 46 -4.69 -2.46 13.53
C VAL A 46 -4.75 -3.44 14.70
N ALA A 47 -3.81 -4.39 14.72
CA ALA A 47 -3.75 -5.38 15.79
C ALA A 47 -2.43 -6.17 15.72
N ILE A 48 -2.27 -7.10 16.65
CA ILE A 48 -1.07 -7.93 16.68
C ILE A 48 -1.22 -9.15 15.77
N THR A 49 -1.50 -8.89 14.50
CA THR A 49 -1.68 -9.95 13.51
C THR A 49 -0.38 -10.20 12.74
N GLY A 50 -0.01 -11.48 12.61
CA GLY A 50 1.20 -11.83 11.90
C GLY A 50 1.95 -12.97 12.56
N GLY B 1 -6.40 21.05 -10.34
CA GLY B 1 -6.84 20.77 -8.95
C GLY B 1 -5.94 21.42 -7.92
N SER B 2 -6.39 21.46 -6.66
CA SER B 2 -5.62 22.06 -5.59
C SER B 2 -5.01 20.99 -4.69
N THR B 3 -5.83 20.03 -4.28
CA THR B 3 -5.36 18.95 -3.41
C THR B 3 -5.54 17.59 -4.08
N LEU B 4 -6.79 17.26 -4.40
CA LEU B 4 -7.10 15.98 -5.04
C LEU B 4 -6.50 14.82 -4.27
N PRO B 5 -6.90 14.64 -3.01
CA PRO B 5 -6.40 13.56 -2.15
C PRO B 5 -6.85 12.18 -2.64
N ILE B 6 -8.03 12.12 -3.24
CA ILE B 6 -8.56 10.86 -3.74
C ILE B 6 -9.12 11.03 -5.16
N PRO B 7 -8.32 10.68 -6.18
CA PRO B 7 -8.74 10.79 -7.58
C PRO B 7 -9.83 9.79 -7.95
N GLY B 8 -9.64 8.54 -7.53
CA GLY B 8 -10.61 7.51 -7.82
C GLY B 8 -9.96 6.20 -8.25
N THR B 9 -9.12 6.27 -9.27
CA THR B 9 -8.43 5.11 -9.78
C THR B 9 -7.07 4.92 -9.09
N PRO B 10 -6.74 3.68 -8.68
CA PRO B 10 -5.47 3.39 -8.01
C PRO B 10 -4.29 4.00 -8.74
N PRO B 11 -3.15 4.15 -8.04
CA PRO B 11 -1.93 4.73 -8.64
C PRO B 11 -1.56 4.06 -9.96
N PRO B 12 -0.43 4.47 -10.57
CA PRO B 12 0.04 3.90 -11.83
C PRO B 12 0.06 2.38 -11.80
N ASN B 13 -0.78 1.77 -12.64
CA ASN B 13 -0.86 0.32 -12.72
C ASN B 13 0.50 -0.28 -13.09
N TYR B 14 0.74 -1.52 -12.66
CA TYR B 14 2.00 -2.18 -12.95
C TYR B 14 2.23 -2.29 -14.45
N ASP B 15 1.14 -2.46 -15.20
CA ASP B 15 1.23 -2.57 -16.65
C ASP B 15 1.73 -1.26 -17.26
N SER B 16 1.53 -0.16 -16.54
CA SER B 16 1.97 1.15 -17.01
C SER B 16 3.35 1.49 -16.44
N LEU B 17 3.69 0.89 -15.30
CA LEU B 17 4.97 1.12 -14.66
C LEU B 17 6.10 0.45 -15.43
N GLY A 1 1.60 -3.39 25.27
CA GLY A 1 1.60 -2.61 24.00
C GLY A 1 0.27 -1.96 23.72
N SER A 2 0.28 -0.67 23.44
CA SER A 2 -0.94 0.07 23.15
C SER A 2 -1.40 -0.16 21.71
N PRO A 3 -0.50 0.10 20.74
CA PRO A 3 -0.80 -0.09 19.32
C PRO A 3 -1.34 -1.48 19.02
N VAL A 4 -2.64 -1.58 18.78
CA VAL A 4 -3.29 -2.85 18.48
C VAL A 4 -3.06 -3.25 17.03
N ASP A 5 -2.79 -2.27 16.18
CA ASP A 5 -2.55 -2.52 14.77
C ASP A 5 -1.18 -1.99 14.34
N SER A 6 -1.00 -1.82 13.03
CA SER A 6 0.27 -1.33 12.48
C SER A 6 1.31 -2.44 12.41
N ASN A 7 1.80 -2.86 13.56
CA ASN A 7 2.80 -3.93 13.62
C ASN A 7 4.00 -3.59 12.73
N ASP A 8 5.01 -4.45 12.78
CA ASP A 8 6.22 -4.25 11.97
C ASP A 8 6.42 -5.40 11.00
N LEU A 9 6.02 -5.18 9.74
CA LEU A 9 6.16 -6.20 8.71
C LEU A 9 7.46 -6.02 7.94
N GLY A 10 7.98 -4.80 7.93
CA GLY A 10 9.22 -4.51 7.23
C GLY A 10 8.98 -3.86 5.88
N PRO A 11 9.85 -4.10 4.90
CA PRO A 11 9.71 -3.52 3.57
C PRO A 11 8.47 -4.04 2.84
N LEU A 12 7.31 -3.62 3.32
CA LEU A 12 6.04 -4.04 2.72
C LEU A 12 5.94 -5.56 2.66
N PRO A 13 4.74 -6.09 2.40
CA PRO A 13 4.50 -7.53 2.32
C PRO A 13 5.16 -8.16 1.09
N PRO A 14 5.13 -9.50 0.99
CA PRO A 14 5.73 -10.22 -0.13
C PRO A 14 5.04 -9.89 -1.46
N GLY A 15 5.84 -9.63 -2.48
CA GLY A 15 5.28 -9.31 -3.78
C GLY A 15 4.88 -7.85 -3.90
N TRP A 16 4.96 -7.11 -2.79
CA TRP A 16 4.59 -5.70 -2.79
C TRP A 16 5.81 -4.81 -3.04
N GLU A 17 5.57 -3.56 -3.40
CA GLU A 17 6.64 -2.61 -3.67
C GLU A 17 6.23 -1.18 -3.35
N GLU A 18 7.19 -0.41 -2.84
CA GLU A 18 6.94 0.99 -2.50
C GLU A 18 7.41 1.91 -3.62
N ARG A 19 6.45 2.52 -4.33
CA ARG A 19 6.78 3.42 -5.42
C ARG A 19 6.24 4.82 -5.16
N THR A 20 7.05 5.83 -5.48
CA THR A 20 6.66 7.22 -5.28
C THR A 20 5.69 7.70 -6.34
N HIS A 21 4.58 8.29 -5.90
CA HIS A 21 3.56 8.78 -6.82
C HIS A 21 3.99 10.12 -7.42
N THR A 22 3.29 10.54 -8.47
CA THR A 22 3.60 11.80 -9.13
C THR A 22 3.54 12.97 -8.16
N ASP A 23 2.79 12.79 -7.07
CA ASP A 23 2.65 13.83 -6.06
C ASP A 23 3.73 13.71 -4.98
N GLY A 24 4.45 12.58 -4.97
CA GLY A 24 5.50 12.39 -3.99
C GLY A 24 5.14 11.34 -2.95
N ARG A 25 3.85 11.05 -2.83
CA ARG A 25 3.38 10.05 -1.87
C ARG A 25 3.65 8.64 -2.38
N VAL A 26 4.40 7.86 -1.61
CA VAL A 26 4.74 6.49 -1.98
C VAL A 26 3.59 5.54 -1.72
N PHE A 27 3.00 5.02 -2.79
CA PHE A 27 1.90 4.08 -2.69
C PHE A 27 2.40 2.63 -2.66
N PHE A 28 1.48 1.69 -2.52
CA PHE A 28 1.82 0.27 -2.48
C PHE A 28 1.39 -0.42 -3.77
N ILE A 29 2.14 -1.45 -4.17
CA ILE A 29 1.82 -2.19 -5.39
C ILE A 29 2.22 -3.66 -5.26
N ASN A 30 1.28 -4.56 -5.48
CA ASN A 30 1.55 -5.99 -5.40
C ASN A 30 1.88 -6.56 -6.78
N HIS A 31 2.72 -7.59 -6.80
CA HIS A 31 3.13 -8.22 -8.06
C HIS A 31 2.45 -9.57 -8.27
N ASN A 32 1.64 -10.01 -7.31
CA ASN A 32 0.95 -11.29 -7.43
C ASN A 32 -0.04 -11.27 -8.59
N ILE A 33 -0.83 -10.19 -8.66
CA ILE A 33 -1.82 -10.04 -9.71
C ILE A 33 -1.69 -8.69 -10.39
N LYS A 34 -0.48 -8.12 -10.34
CA LYS A 34 -0.22 -6.82 -10.96
C LYS A 34 -1.31 -5.80 -10.60
N LYS A 35 -1.21 -5.26 -9.40
CA LYS A 35 -2.19 -4.27 -8.92
C LYS A 35 -1.54 -3.30 -7.94
N THR A 36 -2.21 -2.18 -7.70
CA THR A 36 -1.72 -1.17 -6.77
C THR A 36 -2.86 -0.50 -6.02
N GLN A 37 -2.54 0.19 -4.94
CA GLN A 37 -3.55 0.86 -4.14
C GLN A 37 -2.96 1.99 -3.30
N TRP A 38 -3.74 3.03 -3.06
CA TRP A 38 -3.29 4.18 -2.29
C TRP A 38 -3.19 3.82 -0.80
N GLU A 39 -4.16 3.04 -0.31
CA GLU A 39 -4.16 2.63 1.09
C GLU A 39 -2.93 1.80 1.43
N ASP A 40 -2.77 1.51 2.72
CA ASP A 40 -1.63 0.73 3.19
C ASP A 40 -2.07 -0.68 3.58
N PRO A 41 -1.75 -1.70 2.75
CA PRO A 41 -2.13 -3.09 3.02
C PRO A 41 -1.38 -3.65 4.24
N ARG A 42 -0.12 -3.27 4.38
CA ARG A 42 0.70 -3.74 5.49
C ARG A 42 0.31 -3.04 6.79
N MET A 43 -0.29 -1.86 6.68
CA MET A 43 -0.70 -1.09 7.85
C MET A 43 -2.08 -1.55 8.33
N GLN A 44 -2.89 -2.05 7.41
CA GLN A 44 -4.23 -2.51 7.75
C GLN A 44 -4.24 -4.02 7.99
N ASN A 45 -3.55 -4.45 9.04
CA ASN A 45 -3.48 -5.87 9.37
C ASN A 45 -4.77 -6.34 10.04
N VAL A 46 -5.05 -5.80 11.22
CA VAL A 46 -6.26 -6.16 11.96
C VAL A 46 -6.28 -7.66 12.27
N ALA A 47 -5.09 -8.23 12.45
CA ALA A 47 -4.98 -9.65 12.76
C ALA A 47 -3.56 -10.01 13.17
N ILE A 48 -3.40 -10.46 14.41
CA ILE A 48 -2.08 -10.85 14.92
C ILE A 48 -1.73 -12.26 14.49
N THR A 49 -0.52 -12.71 14.84
CA THR A 49 -0.07 -14.05 14.49
C THR A 49 -0.19 -15.00 15.68
N GLY A 50 -0.50 -16.26 15.40
CA GLY A 50 -0.63 -17.25 16.45
C GLY A 50 -1.77 -18.21 16.20
N GLY B 1 -15.26 19.55 -7.46
CA GLY B 1 -14.45 18.70 -6.55
C GLY B 1 -13.25 19.42 -5.97
N SER B 2 -13.48 20.12 -4.86
CA SER B 2 -12.41 20.87 -4.19
C SER B 2 -11.69 19.99 -3.18
N THR B 3 -12.42 19.05 -2.59
CA THR B 3 -11.84 18.14 -1.60
C THR B 3 -11.30 16.88 -2.27
N LEU B 4 -12.21 16.09 -2.83
CA LEU B 4 -11.82 14.85 -3.51
C LEU B 4 -10.89 14.02 -2.63
N PRO B 5 -11.39 13.54 -1.47
CA PRO B 5 -10.60 12.72 -0.54
C PRO B 5 -10.28 11.35 -1.12
N ILE B 6 -11.21 10.81 -1.90
CA ILE B 6 -11.02 9.50 -2.51
C ILE B 6 -11.29 9.54 -4.01
N PRO B 7 -10.23 9.74 -4.82
CA PRO B 7 -10.35 9.81 -6.28
C PRO B 7 -11.10 8.60 -6.85
N GLY B 8 -10.55 7.41 -6.61
CA GLY B 8 -11.19 6.20 -7.12
C GLY B 8 -10.18 5.22 -7.70
N THR B 9 -9.54 5.62 -8.80
CA THR B 9 -8.55 4.77 -9.45
C THR B 9 -7.23 4.76 -8.68
N PRO B 10 -6.60 3.58 -8.54
CA PRO B 10 -5.32 3.44 -7.83
C PRO B 10 -4.15 4.05 -8.60
N PRO B 11 -3.00 4.22 -7.94
CA PRO B 11 -1.80 4.78 -8.58
C PRO B 11 -1.46 4.09 -9.89
N PRO B 12 -0.30 4.45 -10.49
CA PRO B 12 0.16 3.86 -11.76
C PRO B 12 0.14 2.33 -11.73
N ASN B 13 -0.63 1.75 -12.65
CA ASN B 13 -0.74 0.30 -12.75
C ASN B 13 0.62 -0.33 -13.03
N TYR B 14 0.80 -1.57 -12.61
CA TYR B 14 2.05 -2.29 -12.81
C TYR B 14 2.33 -2.45 -14.30
N ASP B 15 1.27 -2.64 -15.07
CA ASP B 15 1.40 -2.81 -16.52
C ASP B 15 1.92 -1.53 -17.17
N SER B 16 1.65 -0.39 -16.53
CA SER B 16 2.10 0.90 -17.04
C SER B 16 3.42 1.32 -16.41
N LEU B 17 3.71 0.76 -15.23
CA LEU B 17 4.95 1.07 -14.53
C LEU B 17 6.15 0.43 -15.22
N GLY A 1 8.12 -5.18 19.83
CA GLY A 1 6.81 -5.89 19.92
C GLY A 1 6.91 -7.20 20.66
N SER A 2 5.83 -7.98 20.64
CA SER A 2 5.80 -9.27 21.33
C SER A 2 5.49 -10.39 20.34
N PRO A 3 5.83 -11.64 20.71
CA PRO A 3 5.58 -12.80 19.85
C PRO A 3 4.10 -12.99 19.52
N VAL A 4 3.27 -12.97 20.55
CA VAL A 4 1.83 -13.14 20.38
C VAL A 4 1.18 -11.84 19.91
N ASP A 5 0.54 -11.89 18.74
CA ASP A 5 -0.12 -10.71 18.18
C ASP A 5 0.89 -9.65 17.76
N SER A 6 1.24 -9.66 16.47
CA SER A 6 2.19 -8.70 15.93
C SER A 6 2.14 -8.70 14.40
N ASN A 7 3.22 -8.23 13.78
CA ASN A 7 3.29 -8.17 12.32
C ASN A 7 4.69 -7.78 11.86
N ASP A 8 5.50 -8.78 11.50
CA ASP A 8 6.86 -8.55 11.05
C ASP A 8 6.90 -8.40 9.52
N LEU A 9 6.38 -7.29 9.03
CA LEU A 9 6.36 -7.03 7.59
C LEU A 9 7.69 -6.43 7.12
N GLY A 10 8.25 -5.54 7.93
CA GLY A 10 9.50 -4.91 7.57
C GLY A 10 9.39 -4.11 6.29
N PRO A 11 10.03 -4.57 5.20
CA PRO A 11 9.97 -3.87 3.91
C PRO A 11 8.67 -4.18 3.17
N LEU A 12 7.56 -3.68 3.68
CA LEU A 12 6.26 -3.91 3.08
C LEU A 12 5.94 -5.40 3.07
N PRO A 13 4.76 -5.79 2.57
CA PRO A 13 4.36 -7.19 2.50
C PRO A 13 5.03 -7.93 1.35
N PRO A 14 4.87 -9.27 1.28
CA PRO A 14 5.47 -10.08 0.23
C PRO A 14 4.90 -9.77 -1.15
N GLY A 15 5.78 -9.65 -2.14
CA GLY A 15 5.34 -9.35 -3.49
C GLY A 15 4.96 -7.89 -3.71
N TRP A 16 5.03 -7.09 -2.64
CA TRP A 16 4.68 -5.69 -2.73
C TRP A 16 5.90 -4.83 -3.00
N GLU A 17 5.67 -3.56 -3.35
CA GLU A 17 6.73 -2.62 -3.64
C GLU A 17 6.29 -1.19 -3.32
N GLU A 18 7.21 -0.40 -2.78
CA GLU A 18 6.91 0.99 -2.45
C GLU A 18 7.32 1.91 -3.60
N ARG A 19 6.33 2.35 -4.38
CA ARG A 19 6.59 3.24 -5.50
C ARG A 19 6.17 4.67 -5.18
N THR A 20 6.94 5.63 -5.68
CA THR A 20 6.66 7.04 -5.44
C THR A 20 5.70 7.60 -6.48
N HIS A 21 4.62 8.22 -6.01
CA HIS A 21 3.62 8.80 -6.90
C HIS A 21 4.11 10.14 -7.46
N THR A 22 3.45 10.59 -8.52
CA THR A 22 3.81 11.86 -9.15
C THR A 22 3.74 13.02 -8.16
N ASP A 23 2.95 12.84 -7.11
CA ASP A 23 2.79 13.88 -6.09
C ASP A 23 3.83 13.74 -4.98
N GLY A 24 4.54 12.60 -4.95
CA GLY A 24 5.54 12.38 -3.94
C GLY A 24 5.13 11.34 -2.91
N ARG A 25 3.83 11.07 -2.84
CA ARG A 25 3.31 10.08 -1.90
C ARG A 25 3.59 8.67 -2.40
N VAL A 26 4.34 7.90 -1.62
CA VAL A 26 4.68 6.53 -1.99
C VAL A 26 3.53 5.56 -1.72
N PHE A 27 2.95 5.04 -2.80
CA PHE A 27 1.84 4.09 -2.69
C PHE A 27 2.36 2.66 -2.62
N PHE A 28 1.44 1.69 -2.63
CA PHE A 28 1.79 0.28 -2.56
C PHE A 28 1.39 -0.45 -3.85
N ILE A 29 2.16 -1.47 -4.21
CA ILE A 29 1.87 -2.25 -5.42
C ILE A 29 2.29 -3.70 -5.25
N ASN A 30 1.36 -4.62 -5.45
CA ASN A 30 1.65 -6.05 -5.33
C ASN A 30 1.99 -6.65 -6.69
N HIS A 31 2.75 -7.75 -6.68
CA HIS A 31 3.15 -8.41 -7.91
C HIS A 31 2.37 -9.70 -8.14
N ASN A 32 1.66 -10.16 -7.13
CA ASN A 32 0.87 -11.39 -7.26
C ASN A 32 -0.07 -11.30 -8.44
N ILE A 33 -0.81 -10.20 -8.54
CA ILE A 33 -1.74 -9.99 -9.63
C ILE A 33 -1.53 -8.62 -10.27
N LYS A 34 -0.31 -8.12 -10.20
CA LYS A 34 0.04 -6.81 -10.76
C LYS A 34 -1.05 -5.78 -10.48
N LYS A 35 -1.02 -5.22 -9.28
CA LYS A 35 -2.00 -4.22 -8.88
C LYS A 35 -1.41 -3.25 -7.86
N THR A 36 -2.09 -2.13 -7.65
CA THR A 36 -1.64 -1.12 -6.70
C THR A 36 -2.81 -0.49 -5.97
N GLN A 37 -2.53 0.18 -4.85
CA GLN A 37 -3.57 0.81 -4.06
C GLN A 37 -2.99 1.90 -3.16
N TRP A 38 -3.75 2.97 -2.97
CA TRP A 38 -3.31 4.08 -2.13
C TRP A 38 -3.30 3.69 -0.66
N GLU A 39 -4.23 2.81 -0.29
CA GLU A 39 -4.33 2.35 1.09
C GLU A 39 -3.06 1.63 1.53
N ASP A 40 -3.03 1.18 2.77
CA ASP A 40 -1.87 0.48 3.31
C ASP A 40 -2.23 -0.96 3.69
N PRO A 41 -1.83 -1.94 2.85
CA PRO A 41 -2.11 -3.35 3.11
C PRO A 41 -1.26 -3.91 4.24
N ARG A 42 -0.04 -3.39 4.37
CA ARG A 42 0.89 -3.83 5.41
C ARG A 42 0.47 -3.29 6.78
N MET A 43 -0.25 -2.17 6.77
CA MET A 43 -0.70 -1.56 8.01
C MET A 43 -2.02 -2.17 8.47
N GLN A 44 -2.78 -2.72 7.53
CA GLN A 44 -4.05 -3.34 7.85
C GLN A 44 -4.08 -4.80 7.41
N ASN A 45 -3.34 -5.65 8.13
CA ASN A 45 -3.28 -7.06 7.81
C ASN A 45 -4.54 -7.79 8.29
N VAL A 46 -4.61 -8.05 9.59
CA VAL A 46 -5.76 -8.73 10.18
C VAL A 46 -6.20 -9.92 9.33
N ALA A 47 -5.23 -10.64 8.76
CA ALA A 47 -5.51 -11.80 7.92
C ALA A 47 -5.86 -11.37 6.50
N ILE A 48 -6.00 -12.34 5.61
CA ILE A 48 -6.34 -12.07 4.22
C ILE A 48 -5.19 -11.34 3.52
N THR A 49 -4.96 -10.09 3.92
CA THR A 49 -3.90 -9.28 3.33
C THR A 49 -2.59 -9.46 4.08
N GLY A 50 -1.62 -10.08 3.43
CA GLY A 50 -0.33 -10.30 4.05
C GLY A 50 0.26 -11.65 3.70
N GLY B 1 -9.45 -3.22 1.99
CA GLY B 1 -9.74 -2.53 3.28
C GLY B 1 -11.21 -2.56 3.64
N SER B 2 -11.52 -2.15 4.87
CA SER B 2 -12.90 -2.13 5.34
C SER B 2 -13.47 -0.72 5.31
N THR B 3 -12.62 0.26 5.59
CA THR B 3 -13.04 1.66 5.60
C THR B 3 -12.95 2.25 4.19
N LEU B 4 -11.79 2.08 3.56
CA LEU B 4 -11.57 2.61 2.22
C LEU B 4 -11.57 1.49 1.18
N PRO B 5 -12.76 0.98 0.82
CA PRO B 5 -12.91 -0.10 -0.16
C PRO B 5 -12.68 0.38 -1.59
N ILE B 6 -13.04 1.63 -1.85
CA ILE B 6 -12.88 2.22 -3.18
C ILE B 6 -12.36 3.65 -3.10
N PRO B 7 -11.04 3.83 -3.25
CA PRO B 7 -10.41 5.16 -3.19
C PRO B 7 -10.80 6.04 -4.38
N GLY B 8 -10.87 5.41 -5.56
CA GLY B 8 -11.22 6.15 -6.76
C GLY B 8 -10.36 5.77 -7.95
N THR B 9 -9.19 6.38 -8.05
CA THR B 9 -8.26 6.10 -9.13
C THR B 9 -6.89 5.69 -8.60
N PRO B 10 -6.63 4.37 -8.51
CA PRO B 10 -5.35 3.85 -8.02
C PRO B 10 -4.15 4.41 -8.79
N PRO B 11 -2.98 4.45 -8.15
CA PRO B 11 -1.76 4.95 -8.79
C PRO B 11 -1.48 4.28 -10.13
N PRO B 12 -0.33 4.58 -10.75
CA PRO B 12 0.05 4.00 -12.04
C PRO B 12 0.05 2.47 -12.01
N ASN B 13 -0.77 1.87 -12.87
CA ASN B 13 -0.87 0.42 -12.95
C ASN B 13 0.49 -0.20 -13.27
N TYR B 14 0.69 -1.43 -12.83
CA TYR B 14 1.95 -2.13 -13.07
C TYR B 14 2.21 -2.29 -14.55
N ASP B 15 1.14 -2.48 -15.32
CA ASP B 15 1.24 -2.63 -16.76
C ASP B 15 1.76 -1.35 -17.41
N SER B 16 1.47 -0.23 -16.76
CA SER B 16 1.91 1.07 -17.26
C SER B 16 3.30 1.43 -16.73
N LEU B 17 3.75 0.73 -15.69
CA LEU B 17 5.06 0.98 -15.11
C LEU B 17 6.17 0.50 -16.03
N GLY A 1 8.69 -16.18 15.88
CA GLY A 1 8.66 -14.70 15.72
C GLY A 1 7.27 -14.13 15.90
N SER A 2 6.43 -14.83 16.63
CA SER A 2 5.06 -14.39 16.88
C SER A 2 4.39 -15.24 17.95
N PRO A 3 4.62 -14.89 19.24
CA PRO A 3 4.04 -15.62 20.36
C PRO A 3 2.52 -15.72 20.27
N VAL A 4 1.91 -14.75 19.60
CA VAL A 4 0.46 -14.71 19.43
C VAL A 4 0.06 -13.87 18.24
N ASP A 5 0.57 -12.64 18.18
CA ASP A 5 0.27 -11.73 17.09
C ASP A 5 1.08 -10.45 17.19
N SER A 6 2.40 -10.56 17.01
CA SER A 6 3.28 -9.41 17.09
C SER A 6 3.14 -8.54 15.85
N ASN A 7 2.91 -9.17 14.71
CA ASN A 7 2.75 -8.46 13.44
C ASN A 7 3.98 -7.63 13.13
N ASP A 8 4.88 -8.18 12.31
CA ASP A 8 6.09 -7.49 11.93
C ASP A 8 6.46 -7.82 10.48
N LEU A 9 5.65 -7.33 9.55
CA LEU A 9 5.89 -7.56 8.13
C LEU A 9 7.19 -6.91 7.67
N GLY A 10 7.55 -5.81 8.31
CA GLY A 10 8.77 -5.10 7.95
C GLY A 10 8.63 -4.35 6.64
N PRO A 11 9.62 -4.44 5.75
CA PRO A 11 9.58 -3.75 4.45
C PRO A 11 8.45 -4.26 3.54
N LEU A 12 7.23 -3.85 3.86
CA LEU A 12 6.07 -4.25 3.07
C LEU A 12 5.94 -5.78 3.01
N PRO A 13 4.72 -6.28 2.72
CA PRO A 13 4.46 -7.72 2.63
C PRO A 13 5.16 -8.37 1.44
N PRO A 14 5.04 -9.70 1.29
CA PRO A 14 5.66 -10.42 0.19
C PRO A 14 5.03 -10.10 -1.16
N GLY A 15 5.86 -9.81 -2.15
CA GLY A 15 5.37 -9.47 -3.47
C GLY A 15 4.99 -8.00 -3.59
N TRP A 16 5.00 -7.28 -2.48
CA TRP A 16 4.65 -5.86 -2.48
C TRP A 16 5.90 -5.00 -2.65
N GLU A 17 5.68 -3.73 -2.98
CA GLU A 17 6.77 -2.79 -3.19
C GLU A 17 6.34 -1.38 -2.81
N GLU A 18 7.26 -0.43 -2.96
CA GLU A 18 6.98 0.96 -2.63
C GLU A 18 7.44 1.88 -3.75
N ARG A 19 6.47 2.35 -4.54
CA ARG A 19 6.77 3.25 -5.66
C ARG A 19 6.29 4.66 -5.35
N THR A 20 7.07 5.65 -5.78
CA THR A 20 6.73 7.05 -5.54
C THR A 20 5.74 7.55 -6.58
N HIS A 21 4.64 8.13 -6.10
CA HIS A 21 3.60 8.67 -6.97
C HIS A 21 4.02 10.02 -7.54
N THR A 22 3.36 10.45 -8.60
CA THR A 22 3.67 11.72 -9.25
C THR A 22 3.54 12.89 -8.26
N ASP A 23 2.77 12.67 -7.20
CA ASP A 23 2.57 13.70 -6.18
C ASP A 23 3.63 13.64 -5.10
N GLY A 24 4.38 12.54 -5.05
CA GLY A 24 5.41 12.38 -4.05
C GLY A 24 5.06 11.34 -3.01
N ARG A 25 3.77 11.01 -2.91
CA ARG A 25 3.32 10.02 -1.96
C ARG A 25 3.61 8.61 -2.47
N VAL A 26 4.39 7.86 -1.69
CA VAL A 26 4.76 6.50 -2.08
C VAL A 26 3.63 5.52 -1.81
N PHE A 27 3.04 4.99 -2.88
CA PHE A 27 1.95 4.03 -2.76
C PHE A 27 2.48 2.60 -2.67
N PHE A 28 1.57 1.65 -2.48
CA PHE A 28 1.94 0.24 -2.39
C PHE A 28 1.55 -0.50 -3.66
N ILE A 29 2.30 -1.54 -4.01
CA ILE A 29 2.02 -2.32 -5.21
C ILE A 29 2.42 -3.78 -5.05
N ASN A 30 1.49 -4.69 -5.30
CA ASN A 30 1.76 -6.11 -5.19
C ASN A 30 2.12 -6.71 -6.54
N HIS A 31 2.88 -7.80 -6.52
CA HIS A 31 3.31 -8.47 -7.75
C HIS A 31 2.46 -9.71 -8.03
N ASN A 32 1.78 -10.23 -7.01
CA ASN A 32 0.95 -11.41 -7.17
C ASN A 32 0.03 -11.30 -8.38
N ILE A 33 -0.70 -10.19 -8.45
CA ILE A 33 -1.62 -9.95 -9.56
C ILE A 33 -1.35 -8.60 -10.20
N LYS A 34 -0.11 -8.14 -10.10
CA LYS A 34 0.28 -6.85 -10.67
C LYS A 34 -0.78 -5.78 -10.44
N LYS A 35 -0.80 -5.23 -9.23
CA LYS A 35 -1.75 -4.20 -8.88
C LYS A 35 -1.18 -3.26 -7.83
N THR A 36 -1.84 -2.12 -7.63
CA THR A 36 -1.39 -1.13 -6.66
C THR A 36 -2.58 -0.47 -5.97
N GLN A 37 -2.31 0.29 -4.91
CA GLN A 37 -3.38 0.96 -4.17
C GLN A 37 -2.81 2.13 -3.36
N TRP A 38 -3.66 3.12 -3.13
CA TRP A 38 -3.27 4.30 -2.37
C TRP A 38 -3.13 3.97 -0.89
N GLU A 39 -4.12 3.26 -0.35
CA GLU A 39 -4.12 2.88 1.06
C GLU A 39 -2.94 1.99 1.39
N ASP A 40 -2.85 1.56 2.65
CA ASP A 40 -1.77 0.69 3.09
C ASP A 40 -2.29 -0.71 3.38
N PRO A 41 -1.74 -1.73 2.71
CA PRO A 41 -2.17 -3.12 2.89
C PRO A 41 -1.56 -3.74 4.15
N ARG A 42 -0.29 -3.43 4.40
CA ARG A 42 0.41 -3.96 5.56
C ARG A 42 -0.04 -3.27 6.84
N MET A 43 -0.71 -2.12 6.71
CA MET A 43 -1.18 -1.36 7.86
C MET A 43 -2.52 -1.90 8.35
N GLN A 44 -3.39 -2.27 7.42
CA GLN A 44 -4.71 -2.79 7.75
C GLN A 44 -4.60 -4.19 8.35
N ASN A 45 -4.78 -4.27 9.67
CA ASN A 45 -4.71 -5.55 10.38
C ASN A 45 -5.32 -5.44 11.77
N VAL A 46 -4.72 -4.60 12.61
CA VAL A 46 -5.21 -4.41 13.97
C VAL A 46 -4.70 -3.10 14.56
N ALA A 47 -4.63 -2.07 13.72
CA ALA A 47 -4.16 -0.74 14.13
C ALA A 47 -3.00 -0.83 15.12
N ILE A 48 -1.78 -0.91 14.60
CA ILE A 48 -0.59 -0.99 15.44
C ILE A 48 0.66 -0.54 14.69
N THR A 49 0.64 0.69 14.20
CA THR A 49 1.78 1.23 13.47
C THR A 49 2.34 2.47 14.16
N GLY A 50 3.63 2.42 14.47
CA GLY A 50 4.28 3.55 15.13
C GLY A 50 5.68 3.81 14.59
N GLY B 1 -8.32 21.10 -7.78
CA GLY B 1 -7.47 20.47 -6.74
C GLY B 1 -7.78 20.97 -5.34
N SER B 2 -6.78 21.54 -4.69
CA SER B 2 -6.94 22.06 -3.34
C SER B 2 -7.31 20.95 -2.36
N THR B 3 -8.59 20.58 -2.35
CA THR B 3 -9.08 19.53 -1.46
C THR B 3 -8.85 18.15 -2.08
N LEU B 4 -9.54 17.89 -3.19
CA LEU B 4 -9.41 16.61 -3.88
C LEU B 4 -9.56 15.44 -2.90
N PRO B 5 -10.71 15.35 -2.21
CA PRO B 5 -10.97 14.27 -1.25
C PRO B 5 -11.09 12.91 -1.93
N ILE B 6 -11.62 12.91 -3.14
CA ILE B 6 -11.80 11.67 -3.90
C ILE B 6 -10.88 11.66 -5.14
N PRO B 7 -9.65 11.17 -4.99
CA PRO B 7 -8.69 11.10 -6.08
C PRO B 7 -9.29 10.48 -7.35
N GLY B 8 -9.73 9.23 -7.23
CA GLY B 8 -10.32 8.54 -8.36
C GLY B 8 -9.84 7.11 -8.47
N THR B 9 -8.85 6.88 -9.34
CA THR B 9 -8.30 5.55 -9.55
C THR B 9 -6.97 5.38 -8.84
N PRO B 10 -6.68 4.17 -8.33
CA PRO B 10 -5.42 3.89 -7.63
C PRO B 10 -4.20 4.39 -8.40
N PRO B 11 -3.00 4.29 -7.80
CA PRO B 11 -1.76 4.74 -8.43
C PRO B 11 -1.58 4.16 -9.84
N PRO B 12 -0.44 4.46 -10.48
CA PRO B 12 -0.14 3.97 -11.84
C PRO B 12 -0.11 2.44 -11.91
N ASN B 13 -0.89 1.88 -12.82
CA ASN B 13 -0.96 0.43 -13.00
C ASN B 13 0.42 -0.12 -13.35
N TYR B 14 0.65 -1.38 -12.99
CA TYR B 14 1.93 -2.03 -13.27
C TYR B 14 2.20 -2.07 -14.78
N ASP B 15 1.14 -2.24 -15.56
CA ASP B 15 1.26 -2.29 -17.01
C ASP B 15 1.72 -0.95 -17.55
N SER B 16 1.16 0.13 -17.01
CA SER B 16 1.51 1.48 -17.43
C SER B 16 2.92 1.85 -16.96
N LEU B 17 3.37 1.18 -15.89
CA LEU B 17 4.70 1.44 -15.35
C LEU B 17 5.79 0.87 -16.26
N GLY A 1 -8.63 6.13 14.93
CA GLY A 1 -8.37 7.09 16.03
C GLY A 1 -6.91 7.19 16.40
N SER A 2 -6.12 7.79 15.52
CA SER A 2 -4.69 7.94 15.75
C SER A 2 -4.03 6.59 16.01
N PRO A 3 -2.69 6.57 16.14
CA PRO A 3 -1.94 5.33 16.38
C PRO A 3 -2.40 4.61 17.65
N VAL A 4 -1.99 3.36 17.79
CA VAL A 4 -2.35 2.55 18.96
C VAL A 4 -1.38 1.38 19.12
N ASP A 5 -1.05 0.73 18.02
CA ASP A 5 -0.12 -0.39 18.04
C ASP A 5 0.94 -0.25 16.95
N SER A 6 0.50 0.11 15.75
CA SER A 6 1.40 0.30 14.60
C SER A 6 1.76 -1.04 13.96
N ASN A 7 2.45 -1.89 14.71
CA ASN A 7 2.86 -3.19 14.20
C ASN A 7 3.84 -3.04 13.05
N ASP A 8 5.11 -3.36 13.31
CA ASP A 8 6.15 -3.25 12.28
C ASP A 8 6.21 -4.51 11.42
N LEU A 9 6.49 -4.33 10.14
CA LEU A 9 6.58 -5.45 9.21
C LEU A 9 7.88 -5.38 8.42
N GLY A 10 8.22 -4.18 7.96
CA GLY A 10 9.44 -3.99 7.18
C GLY A 10 9.17 -3.45 5.79
N PRO A 11 10.02 -3.80 4.81
CA PRO A 11 9.86 -3.33 3.43
C PRO A 11 8.59 -3.88 2.76
N LEU A 12 7.45 -3.53 3.33
CA LEU A 12 6.17 -3.98 2.81
C LEU A 12 6.09 -5.50 2.81
N PRO A 13 4.89 -6.07 2.56
CA PRO A 13 4.68 -7.52 2.55
C PRO A 13 5.34 -8.18 1.34
N PRO A 14 5.28 -9.52 1.26
CA PRO A 14 5.88 -10.27 0.15
C PRO A 14 5.17 -9.98 -1.17
N GLY A 15 5.96 -9.69 -2.20
CA GLY A 15 5.39 -9.40 -3.51
C GLY A 15 4.99 -7.94 -3.65
N TRP A 16 5.03 -7.20 -2.55
CA TRP A 16 4.66 -5.78 -2.56
C TRP A 16 5.89 -4.91 -2.83
N GLU A 17 5.63 -3.66 -3.22
CA GLU A 17 6.71 -2.72 -3.51
C GLU A 17 6.29 -1.29 -3.23
N GLU A 18 7.23 -0.48 -2.75
CA GLU A 18 6.95 0.92 -2.45
C GLU A 18 7.34 1.81 -3.63
N ARG A 19 6.34 2.25 -4.40
CA ARG A 19 6.59 3.10 -5.55
C ARG A 19 6.21 4.54 -5.26
N THR A 20 6.94 5.48 -5.86
CA THR A 20 6.68 6.90 -5.66
C THR A 20 5.67 7.44 -6.66
N HIS A 21 4.61 8.06 -6.16
CA HIS A 21 3.56 8.63 -7.00
C HIS A 21 4.01 9.97 -7.58
N THR A 22 3.33 10.40 -8.65
CA THR A 22 3.65 11.67 -9.30
C THR A 22 3.55 12.83 -8.32
N ASP A 23 2.79 12.65 -7.25
CA ASP A 23 2.62 13.69 -6.24
C ASP A 23 3.68 13.61 -5.15
N GLY A 24 4.41 12.50 -5.11
CA GLY A 24 5.45 12.34 -4.10
C GLY A 24 5.09 11.30 -3.05
N ARG A 25 3.79 10.99 -2.96
CA ARG A 25 3.33 9.99 -1.99
C ARG A 25 3.62 8.59 -2.49
N VAL A 26 4.36 7.82 -1.70
CA VAL A 26 4.72 6.47 -2.07
C VAL A 26 3.57 5.49 -1.82
N PHE A 27 3.00 4.97 -2.89
CA PHE A 27 1.89 4.02 -2.80
C PHE A 27 2.40 2.58 -2.73
N PHE A 28 1.49 1.64 -2.56
CA PHE A 28 1.86 0.22 -2.48
C PHE A 28 1.45 -0.51 -3.77
N ILE A 29 2.20 -1.56 -4.12
CA ILE A 29 1.92 -2.34 -5.32
C ILE A 29 2.33 -3.80 -5.13
N ASN A 30 1.37 -4.70 -5.33
CA ASN A 30 1.65 -6.13 -5.19
C ASN A 30 1.96 -6.76 -6.55
N HIS A 31 2.78 -7.80 -6.54
CA HIS A 31 3.16 -8.50 -7.77
C HIS A 31 2.31 -9.74 -8.01
N ASN A 32 1.63 -10.22 -6.97
CA ASN A 32 0.79 -11.40 -7.10
C ASN A 32 -0.19 -11.26 -8.27
N ILE A 33 -0.86 -10.10 -8.31
CA ILE A 33 -1.82 -9.83 -9.38
C ILE A 33 -1.62 -8.42 -9.94
N LYS A 34 -0.41 -7.89 -9.78
CA LYS A 34 -0.07 -6.55 -10.27
C LYS A 34 -1.22 -5.56 -10.03
N LYS A 35 -1.29 -5.04 -8.81
CA LYS A 35 -2.33 -4.10 -8.45
C LYS A 35 -1.85 -3.14 -7.36
N THR A 36 -1.93 -1.84 -7.64
CA THR A 36 -1.52 -0.83 -6.69
C THR A 36 -2.71 -0.28 -5.91
N GLN A 37 -2.42 0.35 -4.77
CA GLN A 37 -3.47 0.92 -3.93
C GLN A 37 -2.91 2.00 -3.03
N TRP A 38 -3.70 3.06 -2.82
CA TRP A 38 -3.27 4.17 -1.98
C TRP A 38 -3.28 3.76 -0.51
N GLU A 39 -4.25 2.94 -0.13
CA GLU A 39 -4.37 2.48 1.25
C GLU A 39 -3.14 1.67 1.66
N ASP A 40 -3.00 1.45 2.96
CA ASP A 40 -1.87 0.69 3.49
C ASP A 40 -2.23 -0.78 3.67
N PRO A 41 -1.71 -1.68 2.81
CA PRO A 41 -1.99 -3.11 2.89
C PRO A 41 -1.27 -3.78 4.05
N ARG A 42 -0.06 -3.30 4.35
CA ARG A 42 0.73 -3.85 5.43
C ARG A 42 0.18 -3.42 6.80
N MET A 43 -0.68 -2.41 6.81
CA MET A 43 -1.27 -1.92 8.05
C MET A 43 -2.47 -2.77 8.45
N GLN A 44 -3.15 -3.34 7.45
CA GLN A 44 -4.31 -4.18 7.71
C GLN A 44 -3.89 -5.55 8.24
N ASN A 45 -3.30 -5.55 9.43
CA ASN A 45 -2.85 -6.79 10.05
C ASN A 45 -4.03 -7.58 10.63
N VAL A 46 -4.83 -6.90 11.43
CA VAL A 46 -6.00 -7.53 12.05
C VAL A 46 -7.17 -7.55 11.08
N ALA A 47 -7.19 -6.62 10.14
CA ALA A 47 -8.25 -6.53 9.13
C ALA A 47 -9.48 -5.80 9.68
N ILE A 48 -10.12 -6.39 10.68
CA ILE A 48 -11.30 -5.79 11.29
C ILE A 48 -10.92 -4.74 12.32
N THR A 49 -11.93 -4.14 12.94
CA THR A 49 -11.71 -3.12 13.95
C THR A 49 -11.47 -3.72 15.32
N GLY A 50 -10.36 -3.36 15.94
CA GLY A 50 -10.04 -3.88 17.26
C GLY A 50 -9.41 -2.83 18.16
N GLY B 1 -13.69 -6.66 -2.94
CA GLY B 1 -14.74 -7.65 -3.30
C GLY B 1 -15.88 -7.68 -2.31
N SER B 2 -16.49 -6.52 -2.07
CA SER B 2 -17.59 -6.42 -1.13
C SER B 2 -18.41 -5.15 -1.39
N THR B 3 -17.84 -4.00 -1.04
CA THR B 3 -18.53 -2.73 -1.23
C THR B 3 -17.59 -1.69 -1.85
N LEU B 4 -16.34 -1.67 -1.40
CA LEU B 4 -15.36 -0.72 -1.92
C LEU B 4 -14.29 -1.42 -2.75
N PRO B 5 -14.66 -1.89 -3.95
CA PRO B 5 -13.72 -2.58 -4.84
C PRO B 5 -12.76 -1.62 -5.53
N ILE B 6 -13.27 -0.44 -5.89
CA ILE B 6 -12.46 0.58 -6.55
C ILE B 6 -12.99 1.98 -6.27
N PRO B 7 -12.45 2.64 -5.23
CA PRO B 7 -12.88 4.00 -4.85
C PRO B 7 -12.82 4.96 -6.03
N GLY B 8 -11.63 5.13 -6.60
CA GLY B 8 -11.47 6.03 -7.73
C GLY B 8 -10.60 5.43 -8.81
N THR B 9 -9.33 5.80 -8.82
CA THR B 9 -8.38 5.29 -9.81
C THR B 9 -6.99 5.12 -9.21
N PRO B 10 -6.66 3.91 -8.76
CA PRO B 10 -5.36 3.61 -8.15
C PRO B 10 -4.21 4.25 -8.91
N PRO B 11 -3.03 4.35 -8.28
CA PRO B 11 -1.84 4.95 -8.91
C PRO B 11 -1.52 4.29 -10.25
N PRO B 12 -0.41 4.70 -10.89
CA PRO B 12 0.01 4.14 -12.18
C PRO B 12 0.07 2.61 -12.16
N ASN B 13 -0.74 1.99 -13.01
CA ASN B 13 -0.77 0.53 -13.10
C ASN B 13 0.60 -0.02 -13.45
N TYR B 14 0.87 -1.26 -13.01
CA TYR B 14 2.15 -1.89 -13.28
C TYR B 14 2.39 -2.02 -14.79
N ASP B 15 1.31 -2.22 -15.54
CA ASP B 15 1.40 -2.36 -16.98
C ASP B 15 1.89 -1.05 -17.61
N SER B 16 1.68 0.06 -16.91
CA SER B 16 2.11 1.37 -17.39
C SER B 16 3.46 1.75 -16.81
N LEU B 17 3.84 1.10 -15.71
CA LEU B 17 5.12 1.38 -15.06
C LEU B 17 6.28 0.83 -15.89
N GLY A 1 -5.60 -0.57 23.32
CA GLY A 1 -6.04 0.86 23.38
C GLY A 1 -5.85 1.58 22.05
N SER A 2 -4.67 1.41 21.45
CA SER A 2 -4.37 2.05 20.18
C SER A 2 -3.50 1.15 19.31
N PRO A 3 -4.11 0.25 18.54
CA PRO A 3 -3.38 -0.68 17.66
C PRO A 3 -2.70 0.05 16.50
N VAL A 4 -1.74 0.89 16.82
CA VAL A 4 -1.01 1.65 15.81
C VAL A 4 0.05 0.80 15.14
N ASP A 5 0.54 -0.22 15.85
CA ASP A 5 1.57 -1.10 15.31
C ASP A 5 1.41 -2.51 15.86
N SER A 6 0.30 -3.16 15.53
CA SER A 6 0.04 -4.52 16.01
C SER A 6 0.89 -5.54 15.26
N ASN A 7 1.32 -5.17 14.04
CA ASN A 7 2.14 -6.05 13.23
C ASN A 7 3.27 -5.28 12.56
N ASP A 8 4.50 -5.78 12.72
CA ASP A 8 5.67 -5.13 12.13
C ASP A 8 6.15 -5.90 10.91
N LEU A 9 6.07 -5.27 9.74
CA LEU A 9 6.50 -5.90 8.49
C LEU A 9 7.84 -5.34 8.04
N GLY A 10 7.95 -4.01 7.99
CA GLY A 10 9.19 -3.39 7.57
C GLY A 10 9.15 -2.97 6.11
N PRO A 11 9.84 -3.71 5.22
CA PRO A 11 9.87 -3.40 3.79
C PRO A 11 8.64 -3.92 3.06
N LEU A 12 7.46 -3.49 3.50
CA LEU A 12 6.22 -3.91 2.87
C LEU A 12 6.09 -5.43 2.89
N PRO A 13 4.88 -5.95 2.60
CA PRO A 13 4.64 -7.40 2.57
C PRO A 13 5.30 -8.08 1.38
N PRO A 14 5.18 -9.41 1.27
CA PRO A 14 5.77 -10.17 0.17
C PRO A 14 5.08 -9.88 -1.16
N GLY A 15 5.87 -9.62 -2.20
CA GLY A 15 5.33 -9.33 -3.50
C GLY A 15 4.95 -7.87 -3.66
N TRP A 16 4.98 -7.11 -2.56
CA TRP A 16 4.64 -5.70 -2.60
C TRP A 16 5.87 -4.84 -2.85
N GLU A 17 5.64 -3.59 -3.23
CA GLU A 17 6.73 -2.66 -3.53
C GLU A 17 6.31 -1.22 -3.25
N GLU A 18 7.24 -0.44 -2.69
CA GLU A 18 6.97 0.95 -2.40
C GLU A 18 7.42 1.85 -3.54
N ARG A 19 6.47 2.31 -4.35
CA ARG A 19 6.77 3.18 -5.48
C ARG A 19 6.30 4.61 -5.22
N THR A 20 7.07 5.57 -5.69
CA THR A 20 6.74 6.98 -5.49
C THR A 20 5.73 7.46 -6.54
N HIS A 21 4.66 8.08 -6.07
CA HIS A 21 3.62 8.60 -6.96
C HIS A 21 4.06 9.90 -7.61
N THR A 22 3.39 10.28 -8.69
CA THR A 22 3.71 11.51 -9.40
C THR A 22 3.65 12.72 -8.48
N ASP A 23 2.87 12.59 -7.40
CA ASP A 23 2.72 13.67 -6.44
C ASP A 23 3.77 13.60 -5.33
N GLY A 24 4.50 12.48 -5.27
CA GLY A 24 5.52 12.32 -4.25
C GLY A 24 5.15 11.30 -3.19
N ARG A 25 3.86 10.99 -3.10
CA ARG A 25 3.38 10.03 -2.11
C ARG A 25 3.67 8.61 -2.58
N VAL A 26 4.40 7.86 -1.78
CA VAL A 26 4.76 6.48 -2.11
C VAL A 26 3.60 5.52 -1.86
N PHE A 27 3.03 4.98 -2.94
CA PHE A 27 1.93 4.04 -2.85
C PHE A 27 2.44 2.61 -2.75
N PHE A 28 1.51 1.66 -2.55
CA PHE A 28 1.87 0.25 -2.46
C PHE A 28 1.44 -0.49 -3.72
N ILE A 29 2.21 -1.51 -4.10
CA ILE A 29 1.90 -2.29 -5.30
C ILE A 29 2.34 -3.73 -5.16
N ASN A 30 1.40 -4.67 -5.36
CA ASN A 30 1.71 -6.08 -5.26
C ASN A 30 2.05 -6.68 -6.63
N HIS A 31 2.90 -7.69 -6.63
CA HIS A 31 3.31 -8.34 -7.88
C HIS A 31 2.51 -9.62 -8.13
N ASN A 32 1.82 -10.12 -7.12
CA ASN A 32 1.03 -11.33 -7.25
C ASN A 32 0.08 -11.22 -8.44
N ILE A 33 -0.64 -10.10 -8.52
CA ILE A 33 -1.58 -9.86 -9.60
C ILE A 33 -1.42 -8.45 -10.17
N LYS A 34 -0.23 -7.89 -10.02
CA LYS A 34 0.07 -6.54 -10.51
C LYS A 34 -1.10 -5.59 -10.25
N LYS A 35 -1.19 -5.10 -9.01
CA LYS A 35 -2.26 -4.17 -8.63
C LYS A 35 -1.81 -3.26 -7.49
N THR A 36 -1.84 -1.95 -7.75
CA THR A 36 -1.44 -0.97 -6.75
C THR A 36 -2.65 -0.37 -6.05
N GLN A 37 -2.41 0.30 -4.92
CA GLN A 37 -3.48 0.92 -4.15
C GLN A 37 -2.92 2.01 -3.24
N TRP A 38 -3.74 3.01 -2.96
CA TRP A 38 -3.34 4.13 -2.11
C TRP A 38 -3.25 3.69 -0.65
N GLU A 39 -4.25 2.95 -0.19
CA GLU A 39 -4.29 2.47 1.18
C GLU A 39 -3.10 1.57 1.50
N ASP A 40 -2.82 1.40 2.79
CA ASP A 40 -1.72 0.56 3.22
C ASP A 40 -2.18 -0.88 3.47
N PRO A 41 -1.77 -1.83 2.62
CA PRO A 41 -2.15 -3.25 2.76
C PRO A 41 -1.48 -3.90 3.96
N ARG A 42 -0.28 -3.45 4.28
CA ARG A 42 0.47 -4.00 5.41
C ARG A 42 -0.10 -3.53 6.74
N MET A 43 -0.96 -2.50 6.70
CA MET A 43 -1.56 -1.97 7.91
C MET A 43 -2.78 -2.80 8.31
N GLN A 44 -3.49 -3.33 7.31
CA GLN A 44 -4.67 -4.13 7.57
C GLN A 44 -4.28 -5.50 8.12
N ASN A 45 -3.45 -6.22 7.36
CA ASN A 45 -2.98 -7.54 7.76
C ASN A 45 -4.14 -8.54 7.80
N VAL A 46 -4.93 -8.47 8.86
CA VAL A 46 -6.07 -9.37 9.02
C VAL A 46 -5.61 -10.83 9.01
N ALA A 47 -5.22 -11.32 10.18
CA ALA A 47 -4.75 -12.70 10.30
C ALA A 47 -5.92 -13.68 10.18
N ILE A 48 -5.60 -14.95 9.97
CA ILE A 48 -6.62 -15.98 9.84
C ILE A 48 -7.10 -16.46 11.20
N THR A 49 -6.23 -16.33 12.21
CA THR A 49 -6.57 -16.74 13.56
C THR A 49 -6.86 -15.54 14.45
N GLY A 50 -7.85 -15.69 15.34
CA GLY A 50 -8.22 -14.60 16.22
C GLY A 50 -8.54 -15.09 17.63
N GLY B 1 -4.42 10.80 5.14
CA GLY B 1 -4.76 11.12 6.55
C GLY B 1 -5.50 12.42 6.70
N SER B 2 -6.82 12.34 6.82
CA SER B 2 -7.66 13.52 6.96
C SER B 2 -7.72 14.31 5.66
N THR B 3 -6.59 14.86 5.25
CA THR B 3 -6.51 15.64 4.02
C THR B 3 -6.70 14.76 2.79
N LEU B 4 -6.26 13.52 2.88
CA LEU B 4 -6.39 12.58 1.77
C LEU B 4 -7.30 11.40 2.15
N PRO B 5 -8.60 11.65 2.35
CA PRO B 5 -9.56 10.61 2.72
C PRO B 5 -9.98 9.76 1.52
N ILE B 6 -10.04 10.38 0.35
CA ILE B 6 -10.43 9.68 -0.87
C ILE B 6 -9.78 10.31 -2.10
N PRO B 7 -8.57 9.87 -2.46
CA PRO B 7 -7.84 10.39 -3.61
C PRO B 7 -8.68 10.40 -4.88
N GLY B 8 -9.18 9.23 -5.26
CA GLY B 8 -10.01 9.13 -6.45
C GLY B 8 -9.66 7.91 -7.29
N THR B 9 -8.49 7.95 -7.94
CA THR B 9 -8.05 6.85 -8.78
C THR B 9 -6.74 6.25 -8.25
N PRO B 10 -6.64 4.90 -8.24
CA PRO B 10 -5.44 4.21 -7.76
C PRO B 10 -4.18 4.64 -8.51
N PRO B 11 -3.00 4.52 -7.87
CA PRO B 11 -1.72 4.90 -8.47
C PRO B 11 -1.51 4.24 -9.84
N PRO B 12 -0.41 4.59 -10.53
CA PRO B 12 -0.10 4.04 -11.85
C PRO B 12 0.00 2.51 -11.83
N ASN B 13 -0.78 1.87 -12.69
CA ASN B 13 -0.80 0.41 -12.78
C ASN B 13 0.60 -0.12 -13.14
N TYR B 14 0.89 -1.34 -12.69
CA TYR B 14 2.18 -1.95 -12.97
C TYR B 14 2.40 -2.13 -14.47
N ASP B 15 1.34 -2.51 -15.17
CA ASP B 15 1.42 -2.71 -16.61
C ASP B 15 1.72 -1.39 -17.32
N SER B 16 1.34 -0.29 -16.67
CA SER B 16 1.57 1.04 -17.24
C SER B 16 2.92 1.59 -16.80
N LEU B 17 3.44 1.08 -15.69
CA LEU B 17 4.73 1.53 -15.18
C LEU B 17 5.88 1.02 -16.06
N GLY A 1 5.02 3.38 23.24
CA GLY A 1 4.31 4.13 24.31
C GLY A 1 2.81 3.88 24.29
N SER A 2 2.19 4.04 23.12
CA SER A 2 0.76 3.83 22.98
C SER A 2 0.47 2.75 21.94
N PRO A 3 -0.75 2.18 21.96
CA PRO A 3 -1.16 1.13 21.02
C PRO A 3 -1.32 1.67 19.60
N VAL A 4 -0.31 1.47 18.77
CA VAL A 4 -0.35 1.93 17.39
C VAL A 4 0.63 1.15 16.52
N ASP A 5 1.89 1.14 16.92
CA ASP A 5 2.93 0.43 16.19
C ASP A 5 3.05 -1.00 16.69
N SER A 6 1.93 -1.72 16.69
CA SER A 6 1.90 -3.10 17.14
C SER A 6 2.56 -4.03 16.11
N ASN A 7 2.09 -3.93 14.87
CA ASN A 7 2.63 -4.75 13.79
C ASN A 7 3.85 -4.10 13.16
N ASP A 8 4.58 -4.85 12.35
CA ASP A 8 5.77 -4.33 11.68
C ASP A 8 6.34 -5.36 10.71
N LEU A 9 6.31 -5.04 9.42
CA LEU A 9 6.82 -5.92 8.39
C LEU A 9 8.14 -5.39 7.83
N GLY A 10 8.26 -4.07 7.77
CA GLY A 10 9.46 -3.45 7.26
C GLY A 10 9.37 -3.13 5.78
N PRO A 11 10.09 -3.87 4.92
CA PRO A 11 10.06 -3.63 3.47
C PRO A 11 8.75 -4.08 2.83
N LEU A 12 7.65 -3.51 3.29
CA LEU A 12 6.33 -3.86 2.77
C LEU A 12 6.08 -5.37 2.86
N PRO A 13 4.83 -5.80 2.63
CA PRO A 13 4.46 -7.22 2.70
C PRO A 13 5.14 -8.05 1.60
N PRO A 14 4.88 -9.37 1.58
CA PRO A 14 5.45 -10.26 0.58
C PRO A 14 4.76 -10.09 -0.78
N GLY A 15 5.54 -9.80 -1.80
CA GLY A 15 4.99 -9.60 -3.12
C GLY A 15 4.44 -8.20 -3.29
N TRP A 16 5.16 -7.23 -2.72
CA TRP A 16 4.76 -5.83 -2.79
C TRP A 16 5.97 -4.94 -3.06
N GLU A 17 5.71 -3.69 -3.41
CA GLU A 17 6.77 -2.74 -3.70
C GLU A 17 6.35 -1.31 -3.41
N GLU A 18 7.28 -0.52 -2.90
CA GLU A 18 7.00 0.88 -2.58
C GLU A 18 7.41 1.79 -3.73
N ARG A 19 6.44 2.25 -4.51
CA ARG A 19 6.72 3.13 -5.65
C ARG A 19 6.27 4.56 -5.34
N THR A 20 7.07 5.52 -5.80
CA THR A 20 6.77 6.93 -5.57
C THR A 20 5.72 7.44 -6.56
N HIS A 21 4.67 8.05 -6.03
CA HIS A 21 3.61 8.60 -6.86
C HIS A 21 4.02 9.92 -7.50
N THR A 22 3.28 10.33 -8.52
CA THR A 22 3.57 11.59 -9.22
C THR A 22 3.54 12.78 -8.26
N ASP A 23 2.79 12.63 -7.17
CA ASP A 23 2.67 13.69 -6.18
C ASP A 23 3.75 13.58 -5.09
N GLY A 24 4.56 12.52 -5.15
CA GLY A 24 5.60 12.34 -4.16
C GLY A 24 5.24 11.30 -3.11
N ARG A 25 3.95 11.01 -2.99
CA ARG A 25 3.48 10.02 -2.02
C ARG A 25 3.75 8.61 -2.52
N VAL A 26 4.50 7.84 -1.75
CA VAL A 26 4.83 6.47 -2.12
C VAL A 26 3.65 5.52 -1.85
N PHE A 27 3.07 5.01 -2.93
CA PHE A 27 1.94 4.08 -2.83
C PHE A 27 2.43 2.63 -2.77
N PHE A 28 1.50 1.70 -2.56
CA PHE A 28 1.84 0.28 -2.50
C PHE A 28 1.37 -0.46 -3.75
N ILE A 29 2.13 -1.48 -4.14
CA ILE A 29 1.79 -2.28 -5.32
C ILE A 29 2.20 -3.74 -5.13
N ASN A 30 1.29 -4.66 -5.40
CA ASN A 30 1.57 -6.08 -5.25
C ASN A 30 2.01 -6.70 -6.58
N HIS A 31 2.73 -7.81 -6.50
CA HIS A 31 3.21 -8.49 -7.70
C HIS A 31 2.39 -9.75 -8.00
N ASN A 32 1.67 -10.23 -6.99
CA ASN A 32 0.84 -11.43 -7.17
C ASN A 32 -0.03 -11.32 -8.41
N ILE A 33 -0.76 -10.21 -8.51
CA ILE A 33 -1.64 -9.97 -9.64
C ILE A 33 -1.47 -8.56 -10.17
N LYS A 34 -0.29 -7.97 -9.94
CA LYS A 34 0.01 -6.62 -10.39
C LYS A 34 -1.16 -5.67 -10.14
N LYS A 35 -1.22 -5.11 -8.93
CA LYS A 35 -2.29 -4.19 -8.56
C LYS A 35 -1.81 -3.18 -7.52
N THR A 36 -1.93 -1.91 -7.86
CA THR A 36 -1.51 -0.83 -6.96
C THR A 36 -2.71 -0.31 -6.16
N GLN A 37 -2.42 0.27 -4.99
CA GLN A 37 -3.48 0.81 -4.14
C GLN A 37 -2.92 1.87 -3.19
N TRP A 38 -3.72 2.91 -2.94
CA TRP A 38 -3.32 3.99 -2.06
C TRP A 38 -3.31 3.55 -0.60
N GLU A 39 -4.28 2.73 -0.23
CA GLU A 39 -4.39 2.24 1.14
C GLU A 39 -3.14 1.44 1.54
N ASP A 40 -2.91 1.34 2.84
CA ASP A 40 -1.76 0.61 3.36
C ASP A 40 -2.14 -0.86 3.63
N PRO A 41 -1.70 -1.79 2.77
CA PRO A 41 -1.99 -3.21 2.94
C PRO A 41 -1.28 -3.80 4.15
N ARG A 42 -0.08 -3.31 4.43
CA ARG A 42 0.70 -3.78 5.56
C ARG A 42 0.15 -3.25 6.88
N MET A 43 -0.58 -2.13 6.81
CA MET A 43 -1.17 -1.52 7.99
C MET A 43 -2.52 -2.13 8.34
N GLN A 44 -3.16 -2.76 7.34
CA GLN A 44 -4.46 -3.37 7.55
C GLN A 44 -4.35 -4.66 8.36
N ASN A 45 -3.86 -4.54 9.60
CA ASN A 45 -3.72 -5.71 10.47
C ASN A 45 -3.48 -5.26 11.91
N VAL A 46 -4.58 -5.12 12.67
CA VAL A 46 -4.49 -4.71 14.06
C VAL A 46 -5.73 -5.14 14.83
N ALA A 47 -5.70 -6.35 15.36
CA ALA A 47 -6.82 -6.89 16.13
C ALA A 47 -6.43 -8.17 16.85
N ILE A 48 -6.88 -8.31 18.10
CA ILE A 48 -6.58 -9.50 18.89
C ILE A 48 -7.58 -9.67 20.03
N THR A 49 -7.92 -8.57 20.69
CA THR A 49 -8.87 -8.61 21.80
C THR A 49 -9.93 -7.53 21.65
N GLY A 50 -11.19 -7.92 21.80
CA GLY A 50 -12.28 -6.98 21.67
C GLY A 50 -13.39 -7.23 22.69
N GLY B 1 -10.97 19.15 -6.11
CA GLY B 1 -10.14 20.31 -6.53
C GLY B 1 -8.70 20.19 -6.08
N SER B 2 -8.26 21.14 -5.27
CA SER B 2 -6.90 21.14 -4.76
C SER B 2 -6.67 20.00 -3.78
N THR B 3 -7.76 19.44 -3.25
CA THR B 3 -7.66 18.32 -2.31
C THR B 3 -7.29 17.02 -3.01
N LEU B 4 -8.24 16.46 -3.74
CA LEU B 4 -8.02 15.20 -4.46
C LEU B 4 -7.74 14.06 -3.48
N PRO B 5 -8.70 13.76 -2.59
CA PRO B 5 -8.56 12.68 -1.60
C PRO B 5 -8.57 11.30 -2.23
N ILE B 6 -9.45 11.09 -3.22
CA ILE B 6 -9.55 9.81 -3.89
C ILE B 6 -10.04 9.99 -5.33
N PRO B 7 -9.12 10.13 -6.30
CA PRO B 7 -9.46 10.31 -7.71
C PRO B 7 -10.47 9.27 -8.19
N GLY B 8 -10.29 8.03 -7.74
CA GLY B 8 -11.20 6.97 -8.14
C GLY B 8 -10.46 5.69 -8.48
N THR B 9 -9.32 5.82 -9.17
CA THR B 9 -8.52 4.66 -9.55
C THR B 9 -7.17 4.68 -8.87
N PRO B 10 -6.67 3.51 -8.44
CA PRO B 10 -5.37 3.40 -7.77
C PRO B 10 -4.24 4.06 -8.57
N PRO B 11 -3.04 4.17 -7.97
CA PRO B 11 -1.89 4.79 -8.61
C PRO B 11 -1.61 4.19 -9.99
N PRO B 12 -0.49 4.59 -10.63
CA PRO B 12 -0.10 4.09 -11.95
C PRO B 12 0.03 2.57 -11.98
N ASN B 13 -0.69 1.94 -12.91
CA ASN B 13 -0.64 0.50 -13.05
C ASN B 13 0.78 0.02 -13.37
N TYR B 14 1.09 -1.21 -12.98
CA TYR B 14 2.41 -1.77 -13.23
C TYR B 14 2.67 -1.88 -14.73
N ASP B 15 1.65 -2.27 -15.47
CA ASP B 15 1.77 -2.41 -16.92
C ASP B 15 2.01 -1.04 -17.57
N SER B 16 1.48 0.00 -16.95
CA SER B 16 1.64 1.36 -17.46
C SER B 16 2.92 2.00 -16.94
N LEU B 17 3.46 1.46 -15.85
CA LEU B 17 4.68 1.98 -15.25
C LEU B 17 5.90 1.65 -16.12
N GLY A 1 -7.55 5.90 11.48
CA GLY A 1 -8.16 6.71 12.57
C GLY A 1 -7.27 6.78 13.80
N SER A 2 -6.41 5.79 13.96
CA SER A 2 -5.49 5.74 15.10
C SER A 2 -4.44 4.65 14.90
N PRO A 3 -3.27 5.01 14.37
CA PRO A 3 -2.18 4.06 14.13
C PRO A 3 -1.43 3.70 15.41
N VAL A 4 -2.11 2.99 16.31
CA VAL A 4 -1.51 2.58 17.57
C VAL A 4 -0.60 1.37 17.38
N ASP A 5 -1.14 0.33 16.77
CA ASP A 5 -0.38 -0.89 16.53
C ASP A 5 -0.73 -1.49 15.17
N SER A 6 0.25 -2.14 14.55
CA SER A 6 0.04 -2.75 13.24
C SER A 6 1.17 -3.72 12.90
N ASN A 7 1.75 -4.33 13.93
CA ASN A 7 2.84 -5.27 13.74
C ASN A 7 3.98 -4.64 12.96
N ASP A 8 5.12 -5.33 12.89
CA ASP A 8 6.27 -4.84 12.18
C ASP A 8 6.66 -5.79 11.03
N LEU A 9 6.56 -5.30 9.81
CA LEU A 9 6.88 -6.09 8.63
C LEU A 9 8.24 -5.67 8.06
N GLY A 10 8.53 -4.38 8.13
CA GLY A 10 9.79 -3.87 7.60
C GLY A 10 9.65 -3.37 6.17
N PRO A 11 10.26 -4.07 5.20
CA PRO A 11 10.20 -3.67 3.79
C PRO A 11 8.90 -4.11 3.11
N LEU A 12 7.78 -3.60 3.58
CA LEU A 12 6.47 -3.94 3.01
C LEU A 12 6.21 -5.45 3.14
N PRO A 13 4.97 -5.87 2.84
CA PRO A 13 4.58 -7.28 2.91
C PRO A 13 5.23 -8.13 1.83
N PRO A 14 4.96 -9.44 1.81
CA PRO A 14 5.51 -10.36 0.81
C PRO A 14 4.80 -10.19 -0.54
N GLY A 15 5.58 -9.90 -1.57
CA GLY A 15 5.00 -9.70 -2.88
C GLY A 15 4.50 -8.29 -3.06
N TRP A 16 5.24 -7.33 -2.52
CA TRP A 16 4.86 -5.92 -2.59
C TRP A 16 6.08 -5.04 -2.82
N GLU A 17 5.83 -3.80 -3.22
CA GLU A 17 6.90 -2.84 -3.48
C GLU A 17 6.44 -1.42 -3.21
N GLU A 18 7.36 -0.59 -2.74
CA GLU A 18 7.04 0.81 -2.45
C GLU A 18 7.43 1.72 -3.62
N ARG A 19 6.42 2.13 -4.39
CA ARG A 19 6.65 3.00 -5.54
C ARG A 19 6.25 4.44 -5.22
N THR A 20 6.94 5.39 -5.83
CA THR A 20 6.66 6.81 -5.60
C THR A 20 5.63 7.33 -6.59
N HIS A 21 4.59 7.97 -6.08
CA HIS A 21 3.54 8.53 -6.91
C HIS A 21 3.98 9.84 -7.55
N THR A 22 3.30 10.25 -8.61
CA THR A 22 3.63 11.48 -9.32
C THR A 22 3.59 12.69 -8.38
N ASP A 23 2.82 12.56 -7.31
CA ASP A 23 2.68 13.64 -6.33
C ASP A 23 3.76 13.57 -5.24
N GLY A 24 4.48 12.44 -5.20
CA GLY A 24 5.52 12.27 -4.20
C GLY A 24 5.15 11.24 -3.13
N ARG A 25 3.85 10.95 -3.03
CA ARG A 25 3.38 9.98 -2.05
C ARG A 25 3.65 8.55 -2.53
N VAL A 26 4.43 7.81 -1.75
CA VAL A 26 4.77 6.44 -2.12
C VAL A 26 3.63 5.48 -1.82
N PHE A 27 3.02 4.94 -2.87
CA PHE A 27 1.92 4.00 -2.71
C PHE A 27 2.45 2.56 -2.63
N PHE A 28 1.54 1.60 -2.62
CA PHE A 28 1.92 0.19 -2.54
C PHE A 28 1.49 -0.58 -3.79
N ILE A 29 2.27 -1.60 -4.14
CA ILE A 29 1.98 -2.42 -5.31
C ILE A 29 2.35 -3.86 -5.06
N ASN A 30 1.45 -4.78 -5.40
CA ASN A 30 1.71 -6.20 -5.21
C ASN A 30 2.23 -6.85 -6.48
N HIS A 31 3.06 -7.88 -6.32
CA HIS A 31 3.63 -8.58 -7.46
C HIS A 31 2.95 -9.92 -7.70
N ASN A 32 1.72 -10.07 -7.19
CA ASN A 32 0.97 -11.31 -7.36
C ASN A 32 0.05 -11.21 -8.57
N ILE A 33 -0.66 -10.10 -8.68
CA ILE A 33 -1.57 -9.87 -9.80
C ILE A 33 -1.38 -8.47 -10.37
N LYS A 34 -0.19 -7.91 -10.20
CA LYS A 34 0.13 -6.58 -10.70
C LYS A 34 -1.01 -5.60 -10.45
N LYS A 35 -1.10 -5.11 -9.21
CA LYS A 35 -2.15 -4.17 -8.84
C LYS A 35 -1.70 -3.25 -7.72
N THR A 36 -1.76 -1.95 -7.97
CA THR A 36 -1.36 -0.96 -6.98
C THR A 36 -2.56 -0.44 -6.19
N GLN A 37 -2.31 0.26 -5.10
CA GLN A 37 -3.37 0.79 -4.26
C GLN A 37 -2.87 1.95 -3.41
N TRP A 38 -3.72 2.95 -3.22
CA TRP A 38 -3.38 4.11 -2.41
C TRP A 38 -3.29 3.76 -0.93
N GLU A 39 -4.22 2.92 -0.48
CA GLU A 39 -4.26 2.51 0.92
C GLU A 39 -3.01 1.73 1.29
N ASP A 40 -2.86 1.44 2.59
CA ASP A 40 -1.71 0.70 3.08
C ASP A 40 -2.07 -0.77 3.29
N PRO A 41 -1.48 -1.69 2.50
CA PRO A 41 -1.76 -3.12 2.61
C PRO A 41 -1.13 -3.74 3.86
N ARG A 42 0.03 -3.22 4.25
CA ARG A 42 0.73 -3.72 5.43
C ARG A 42 0.01 -3.28 6.71
N MET A 43 -0.73 -2.19 6.63
CA MET A 43 -1.46 -1.67 7.77
C MET A 43 -2.82 -2.37 7.92
N GLN A 44 -3.37 -2.80 6.80
CA GLN A 44 -4.67 -3.47 6.80
C GLN A 44 -4.68 -4.64 7.78
N ASN A 45 -3.61 -5.42 7.79
CA ASN A 45 -3.50 -6.57 8.68
C ASN A 45 -3.17 -6.13 10.11
N VAL A 46 -3.88 -6.70 11.07
CA VAL A 46 -3.66 -6.36 12.48
C VAL A 46 -4.10 -4.94 12.78
N ALA A 47 -5.36 -4.63 12.50
CA ALA A 47 -5.90 -3.30 12.75
C ALA A 47 -7.42 -3.28 12.58
N ILE A 48 -7.90 -3.93 11.53
CA ILE A 48 -9.33 -3.98 11.26
C ILE A 48 -9.92 -2.57 11.20
N THR A 49 -9.34 -1.72 10.37
CA THR A 49 -9.80 -0.35 10.21
C THR A 49 -11.12 -0.30 9.43
N GLY A 50 -12.12 0.33 10.01
CA GLY A 50 -13.41 0.44 9.35
C GLY A 50 -14.58 0.30 10.31
N GLY B 1 -2.47 20.95 -4.26
CA GLY B 1 -3.53 20.77 -3.23
C GLY B 1 -3.07 19.89 -2.09
N SER B 2 -3.28 20.37 -0.85
CA SER B 2 -2.89 19.62 0.32
C SER B 2 -4.10 19.05 1.05
N THR B 3 -5.25 19.69 0.86
CA THR B 3 -6.49 19.26 1.48
C THR B 3 -6.91 17.87 0.99
N LEU B 4 -6.95 17.72 -0.32
CA LEU B 4 -7.33 16.44 -0.95
C LEU B 4 -6.72 15.25 -0.20
N PRO B 5 -7.51 14.58 0.66
CA PRO B 5 -7.03 13.42 1.44
C PRO B 5 -6.87 12.18 0.57
N ILE B 6 -7.79 12.00 -0.37
CA ILE B 6 -7.76 10.85 -1.26
C ILE B 6 -8.37 11.22 -2.62
N PRO B 7 -7.55 11.27 -3.69
CA PRO B 7 -8.03 11.62 -5.02
C PRO B 7 -9.13 10.67 -5.50
N GLY B 8 -8.87 9.37 -5.44
CA GLY B 8 -9.85 8.40 -5.87
C GLY B 8 -9.23 7.28 -6.70
N THR B 9 -8.96 7.57 -7.96
CA THR B 9 -8.38 6.59 -8.87
C THR B 9 -7.06 6.04 -8.31
N PRO B 10 -6.88 4.71 -8.30
CA PRO B 10 -5.67 4.07 -7.80
C PRO B 10 -4.41 4.58 -8.50
N PRO B 11 -3.24 4.43 -7.85
CA PRO B 11 -1.95 4.88 -8.42
C PRO B 11 -1.69 4.29 -9.79
N PRO B 12 -0.57 4.68 -10.43
CA PRO B 12 -0.20 4.17 -11.76
C PRO B 12 -0.08 2.65 -11.80
N ASN B 13 -0.90 2.03 -12.65
CA ASN B 13 -0.89 0.58 -12.79
C ASN B 13 0.49 0.09 -13.23
N TYR B 14 0.80 -1.15 -12.85
CA TYR B 14 2.10 -1.74 -13.20
C TYR B 14 2.23 -1.86 -14.72
N ASP B 15 1.13 -2.13 -15.39
CA ASP B 15 1.13 -2.27 -16.84
C ASP B 15 1.51 -0.96 -17.52
N SER B 16 1.24 0.14 -16.83
CA SER B 16 1.56 1.47 -17.36
C SER B 16 2.88 1.98 -16.82
N LEU B 17 3.32 1.43 -15.69
CA LEU B 17 4.59 1.83 -15.08
C LEU B 17 5.77 1.30 -15.87
N GLY A 1 4.49 10.79 17.98
CA GLY A 1 4.57 9.33 17.76
C GLY A 1 5.19 8.60 18.94
N SER A 2 4.86 7.33 19.09
CA SER A 2 5.40 6.52 20.18
C SER A 2 4.87 5.09 20.11
N PRO A 3 5.32 4.32 19.08
CA PRO A 3 4.88 2.93 18.90
C PRO A 3 5.58 1.98 19.87
N VAL A 4 4.78 1.23 20.63
CA VAL A 4 5.32 0.27 21.60
C VAL A 4 5.76 -1.01 20.91
N ASP A 5 4.80 -1.70 20.31
CA ASP A 5 5.09 -2.95 19.61
C ASP A 5 4.60 -2.90 18.17
N SER A 6 3.41 -2.32 17.98
CA SER A 6 2.81 -2.21 16.64
C SER A 6 3.01 -3.49 15.83
N ASN A 7 2.91 -3.37 14.50
CA ASN A 7 3.07 -4.52 13.62
C ASN A 7 4.09 -4.21 12.53
N ASP A 8 5.36 -4.12 12.90
CA ASP A 8 6.42 -3.84 11.94
C ASP A 8 6.70 -5.06 11.07
N LEU A 9 6.36 -4.96 9.79
CA LEU A 9 6.57 -6.05 8.85
C LEU A 9 7.93 -5.92 8.17
N GLY A 10 8.38 -4.68 7.99
CA GLY A 10 9.66 -4.44 7.35
C GLY A 10 9.51 -3.93 5.92
N PRO A 11 10.30 -4.45 4.96
CA PRO A 11 10.23 -4.04 3.56
C PRO A 11 8.91 -4.43 2.90
N LEU A 12 7.81 -3.88 3.41
CA LEU A 12 6.50 -4.18 2.86
C LEU A 12 6.19 -5.67 2.94
N PRO A 13 4.94 -6.06 2.66
CA PRO A 13 4.51 -7.46 2.69
C PRO A 13 5.11 -8.29 1.57
N PRO A 14 4.82 -9.60 1.56
CA PRO A 14 5.32 -10.52 0.53
C PRO A 14 4.67 -10.25 -0.83
N GLY A 15 5.49 -9.92 -1.81
CA GLY A 15 4.96 -9.62 -3.13
C GLY A 15 4.44 -8.20 -3.23
N TRP A 16 5.19 -7.26 -2.66
CA TRP A 16 4.80 -5.85 -2.69
C TRP A 16 6.02 -4.96 -2.90
N GLU A 17 5.77 -3.70 -3.24
CA GLU A 17 6.83 -2.74 -3.49
C GLU A 17 6.38 -1.32 -3.20
N GLU A 18 7.30 -0.48 -2.74
CA GLU A 18 6.99 0.91 -2.42
C GLU A 18 7.33 1.82 -3.60
N ARG A 19 6.30 2.23 -4.35
CA ARG A 19 6.51 3.10 -5.50
C ARG A 19 6.15 4.54 -5.15
N THR A 20 6.88 5.48 -5.76
CA THR A 20 6.65 6.90 -5.51
C THR A 20 5.66 7.49 -6.50
N HIS A 21 4.61 8.13 -5.98
CA HIS A 21 3.59 8.74 -6.83
C HIS A 21 4.08 10.08 -7.39
N THR A 22 3.46 10.52 -8.48
CA THR A 22 3.83 11.78 -9.12
C THR A 22 3.71 12.94 -8.15
N ASP A 23 2.92 12.77 -7.10
CA ASP A 23 2.73 13.81 -6.09
C ASP A 23 3.78 13.72 -4.99
N GLY A 24 4.50 12.61 -4.94
CA GLY A 24 5.53 12.43 -3.92
C GLY A 24 5.14 11.40 -2.88
N ARG A 25 3.84 11.10 -2.79
CA ARG A 25 3.35 10.12 -1.83
C ARG A 25 3.62 8.71 -2.35
N VAL A 26 4.41 7.95 -1.60
CA VAL A 26 4.74 6.58 -1.99
C VAL A 26 3.60 5.62 -1.68
N PHE A 27 2.98 5.09 -2.73
CA PHE A 27 1.88 4.15 -2.59
C PHE A 27 2.40 2.72 -2.52
N PHE A 28 1.49 1.75 -2.51
CA PHE A 28 1.86 0.34 -2.45
C PHE A 28 1.42 -0.40 -3.70
N ILE A 29 2.19 -1.43 -4.06
CA ILE A 29 1.88 -2.24 -5.25
C ILE A 29 2.25 -3.69 -5.01
N ASN A 30 1.37 -4.61 -5.42
CA ASN A 30 1.62 -6.03 -5.24
C ASN A 30 2.20 -6.64 -6.51
N HIS A 31 2.79 -7.83 -6.37
CA HIS A 31 3.40 -8.51 -7.51
C HIS A 31 2.76 -9.88 -7.74
N ASN A 32 1.56 -10.08 -7.21
CA ASN A 32 0.85 -11.35 -7.36
C ASN A 32 -0.06 -11.31 -8.58
N ILE A 33 -0.82 -10.23 -8.69
CA ILE A 33 -1.74 -10.06 -9.81
C ILE A 33 -1.55 -8.70 -10.47
N LYS A 34 -0.33 -8.17 -10.37
CA LYS A 34 0.01 -6.88 -10.95
C LYS A 34 -1.08 -5.84 -10.67
N LYS A 35 -1.05 -5.28 -9.46
CA LYS A 35 -2.03 -4.28 -9.06
C LYS A 35 -1.43 -3.33 -8.04
N THR A 36 -2.13 -2.23 -7.78
CA THR A 36 -1.67 -1.23 -6.82
C THR A 36 -2.83 -0.60 -6.07
N GLN A 37 -2.52 0.11 -5.00
CA GLN A 37 -3.55 0.76 -4.19
C GLN A 37 -2.96 1.92 -3.38
N TRP A 38 -3.77 2.95 -3.16
CA TRP A 38 -3.32 4.12 -2.42
C TRP A 38 -3.18 3.78 -0.93
N GLU A 39 -4.12 2.99 -0.42
CA GLU A 39 -4.10 2.59 0.98
C GLU A 39 -2.85 1.78 1.30
N ASP A 40 -2.66 1.46 2.57
CA ASP A 40 -1.50 0.70 3.01
C ASP A 40 -1.91 -0.74 3.40
N PRO A 41 -1.52 -1.74 2.60
CA PRO A 41 -1.86 -3.14 2.88
C PRO A 41 -1.15 -3.67 4.12
N ARG A 42 0.08 -3.22 4.34
CA ARG A 42 0.86 -3.63 5.49
C ARG A 42 0.36 -2.95 6.76
N MET A 43 -0.28 -1.80 6.59
CA MET A 43 -0.81 -1.05 7.73
C MET A 43 -2.20 -1.54 8.10
N GLN A 44 -2.90 -2.11 7.12
CA GLN A 44 -4.24 -2.63 7.33
C GLN A 44 -4.22 -4.14 7.52
N ASN A 45 -3.45 -4.60 8.51
CA ASN A 45 -3.33 -6.02 8.79
C ASN A 45 -4.58 -6.54 9.52
N VAL A 46 -4.84 -5.98 10.70
CA VAL A 46 -6.00 -6.38 11.49
C VAL A 46 -6.04 -7.89 11.66
N ALA A 47 -5.32 -8.41 12.66
CA ALA A 47 -5.28 -9.84 12.92
C ALA A 47 -4.61 -10.13 14.25
N ILE A 48 -5.35 -10.76 15.16
CA ILE A 48 -4.83 -11.09 16.47
C ILE A 48 -4.44 -9.84 17.26
N THR A 49 -5.40 -8.94 17.42
CA THR A 49 -5.15 -7.69 18.15
C THR A 49 -5.26 -7.90 19.65
N GLY A 50 -4.24 -7.44 20.38
CA GLY A 50 -4.23 -7.59 21.82
C GLY A 50 -2.86 -7.91 22.37
N GLY B 1 -10.87 16.46 -0.31
CA GLY B 1 -11.22 15.11 0.24
C GLY B 1 -12.14 15.18 1.42
N SER B 2 -13.44 15.04 1.17
CA SER B 2 -14.44 15.09 2.23
C SER B 2 -15.16 13.77 2.35
N THR B 3 -15.65 13.25 1.23
CA THR B 3 -16.36 11.99 1.20
C THR B 3 -15.81 11.06 0.11
N LEU B 4 -15.61 11.63 -1.08
CA LEU B 4 -15.08 10.85 -2.20
C LEU B 4 -13.72 10.24 -1.85
N PRO B 5 -13.68 8.90 -1.68
CA PRO B 5 -12.44 8.20 -1.34
C PRO B 5 -11.55 7.96 -2.56
N ILE B 6 -12.16 7.56 -3.67
CA ILE B 6 -11.43 7.30 -4.90
C ILE B 6 -12.17 7.87 -6.10
N PRO B 7 -11.56 8.82 -6.84
CA PRO B 7 -12.18 9.43 -8.02
C PRO B 7 -12.33 8.45 -9.18
N GLY B 8 -11.26 7.70 -9.45
CA GLY B 8 -11.29 6.73 -10.53
C GLY B 8 -10.66 5.41 -10.15
N THR B 9 -9.38 5.25 -10.44
CA THR B 9 -8.67 4.02 -10.13
C THR B 9 -7.38 4.31 -9.34
N PRO B 10 -6.83 3.30 -8.66
CA PRO B 10 -5.60 3.45 -7.88
C PRO B 10 -4.48 4.11 -8.67
N PRO B 11 -3.28 4.25 -8.06
CA PRO B 11 -2.13 4.87 -8.71
C PRO B 11 -1.82 4.24 -10.07
N PRO B 12 -0.70 4.63 -10.69
CA PRO B 12 -0.29 4.11 -12.00
C PRO B 12 -0.19 2.58 -12.00
N ASN B 13 -0.94 1.95 -12.90
CA ASN B 13 -0.94 0.49 -13.01
C ASN B 13 0.45 -0.03 -13.33
N TYR B 14 0.72 -1.26 -12.90
CA TYR B 14 2.02 -1.87 -13.14
C TYR B 14 2.29 -2.02 -14.63
N ASP B 15 1.25 -2.27 -15.41
CA ASP B 15 1.38 -2.41 -16.85
C ASP B 15 1.84 -1.11 -17.49
N SER B 16 1.55 0.01 -16.82
CA SER B 16 1.92 1.32 -17.32
C SER B 16 3.23 1.81 -16.68
N LEU B 17 3.58 1.22 -15.53
CA LEU B 17 4.79 1.59 -14.83
C LEU B 17 6.03 1.09 -15.57
N GLY A 1 0.30 -8.42 27.12
CA GLY A 1 0.27 -6.94 27.12
C GLY A 1 1.12 -6.34 26.01
N SER A 2 2.40 -6.12 26.30
CA SER A 2 3.32 -5.56 25.32
C SER A 2 4.40 -6.58 24.94
N PRO A 3 4.13 -7.40 23.92
CA PRO A 3 5.08 -8.42 23.45
C PRO A 3 6.31 -7.80 22.78
N VAL A 4 6.10 -6.69 22.07
CA VAL A 4 7.18 -6.01 21.39
C VAL A 4 7.63 -6.79 20.15
N ASP A 5 6.67 -7.48 19.53
CA ASP A 5 6.95 -8.26 18.32
C ASP A 5 5.67 -8.70 17.65
N SER A 6 4.65 -7.86 17.73
CA SER A 6 3.35 -8.16 17.12
C SER A 6 3.41 -7.99 15.61
N ASN A 7 2.25 -7.81 14.98
CA ASN A 7 2.20 -7.63 13.54
C ASN A 7 3.18 -6.57 13.07
N ASP A 8 4.37 -7.00 12.67
CA ASP A 8 5.39 -6.08 12.20
C ASP A 8 5.82 -6.41 10.77
N LEU A 9 5.89 -5.38 9.94
CA LEU A 9 6.29 -5.57 8.54
C LEU A 9 7.39 -4.59 8.16
N GLY A 10 8.40 -5.09 7.45
CA GLY A 10 9.51 -4.25 7.03
C GLY A 10 9.33 -3.73 5.62
N PRO A 11 10.04 -4.32 4.64
CA PRO A 11 9.95 -3.91 3.24
C PRO A 11 8.64 -4.34 2.59
N LEU A 12 7.52 -3.85 3.12
CA LEU A 12 6.22 -4.18 2.58
C LEU A 12 6.00 -5.69 2.57
N PRO A 13 4.75 -6.13 2.36
CA PRO A 13 4.41 -7.57 2.32
C PRO A 13 5.12 -8.28 1.17
N PRO A 14 4.89 -9.60 1.03
CA PRO A 14 5.52 -10.39 -0.04
C PRO A 14 4.91 -10.10 -1.41
N GLY A 15 5.74 -9.66 -2.34
CA GLY A 15 5.27 -9.35 -3.68
C GLY A 15 4.87 -7.90 -3.85
N TRP A 16 4.94 -7.11 -2.77
CA TRP A 16 4.59 -5.70 -2.82
C TRP A 16 5.81 -4.82 -3.09
N GLU A 17 5.57 -3.56 -3.40
CA GLU A 17 6.64 -2.61 -3.68
C GLU A 17 6.23 -1.18 -3.34
N GLU A 18 7.18 -0.41 -2.81
CA GLU A 18 6.91 0.97 -2.44
C GLU A 18 7.37 1.91 -3.55
N ARG A 19 6.41 2.45 -4.31
CA ARG A 19 6.74 3.36 -5.41
C ARG A 19 6.23 4.77 -5.12
N THR A 20 7.02 5.76 -5.49
CA THR A 20 6.66 7.16 -5.27
C THR A 20 5.66 7.64 -6.33
N HIS A 21 4.56 8.24 -5.87
CA HIS A 21 3.54 8.74 -6.77
C HIS A 21 3.96 10.06 -7.40
N THR A 22 3.29 10.45 -8.48
CA THR A 22 3.60 11.70 -9.17
C THR A 22 3.50 12.89 -8.21
N ASP A 23 2.73 12.72 -7.14
CA ASP A 23 2.54 13.78 -6.16
C ASP A 23 3.61 13.71 -5.05
N GLY A 24 4.35 12.61 -5.01
CA GLY A 24 5.38 12.44 -4.00
C GLY A 24 5.03 11.41 -2.95
N ARG A 25 3.74 11.08 -2.85
CA ARG A 25 3.28 10.08 -1.89
C ARG A 25 3.58 8.67 -2.40
N VAL A 26 4.33 7.91 -1.61
CA VAL A 26 4.68 6.55 -2.00
C VAL A 26 3.52 5.58 -1.72
N PHE A 27 2.93 5.06 -2.79
CA PHE A 27 1.83 4.11 -2.67
C PHE A 27 2.34 2.67 -2.62
N PHE A 28 1.42 1.72 -2.56
CA PHE A 28 1.78 0.31 -2.51
C PHE A 28 1.34 -0.41 -3.79
N ILE A 29 2.10 -1.43 -4.18
CA ILE A 29 1.79 -2.19 -5.39
C ILE A 29 2.19 -3.66 -5.24
N ASN A 30 1.25 -4.57 -5.49
CA ASN A 30 1.54 -5.99 -5.40
C ASN A 30 1.88 -6.57 -6.77
N HIS A 31 2.61 -7.68 -6.77
CA HIS A 31 3.02 -8.33 -8.02
C HIS A 31 2.28 -9.65 -8.23
N ASN A 32 1.53 -10.10 -7.22
CA ASN A 32 0.79 -11.35 -7.33
C ASN A 32 -0.20 -11.30 -8.48
N ILE A 33 -0.91 -10.18 -8.60
CA ILE A 33 -1.89 -9.99 -9.65
C ILE A 33 -1.73 -8.63 -10.30
N LYS A 34 -0.51 -8.10 -10.26
CA LYS A 34 -0.20 -6.80 -10.86
C LYS A 34 -1.28 -5.78 -10.53
N LYS A 35 -1.20 -5.20 -9.33
CA LYS A 35 -2.17 -4.22 -8.88
C LYS A 35 -1.54 -3.24 -7.89
N THR A 36 -2.24 -2.14 -7.63
CA THR A 36 -1.76 -1.13 -6.70
C THR A 36 -2.93 -0.50 -5.93
N GLN A 37 -2.60 0.24 -4.87
CA GLN A 37 -3.63 0.88 -4.05
C GLN A 37 -3.04 2.04 -3.27
N TRP A 38 -3.86 3.06 -3.02
CA TRP A 38 -3.43 4.23 -2.28
C TRP A 38 -3.25 3.91 -0.79
N GLU A 39 -4.22 3.19 -0.23
CA GLU A 39 -4.17 2.81 1.17
C GLU A 39 -2.95 1.94 1.46
N ASP A 40 -2.76 1.61 2.75
CA ASP A 40 -1.64 0.78 3.17
C ASP A 40 -2.12 -0.61 3.55
N PRO A 41 -1.61 -1.66 2.87
CA PRO A 41 -2.01 -3.05 3.15
C PRO A 41 -1.25 -3.66 4.31
N ARG A 42 0.05 -3.34 4.41
CA ARG A 42 0.88 -3.88 5.48
C ARG A 42 0.58 -3.20 6.82
N MET A 43 0.10 -1.97 6.74
CA MET A 43 -0.23 -1.21 7.95
C MET A 43 -1.64 -1.54 8.43
N GLN A 44 -2.51 -1.88 7.50
CA GLN A 44 -3.89 -2.22 7.83
C GLN A 44 -3.97 -3.62 8.44
N ASN A 45 -3.97 -3.67 9.77
CA ASN A 45 -4.04 -4.95 10.48
C ASN A 45 -4.43 -4.73 11.94
N VAL A 46 -5.37 -5.54 12.44
CA VAL A 46 -5.83 -5.43 13.82
C VAL A 46 -6.07 -3.98 14.21
N ALA A 47 -6.54 -3.18 13.27
CA ALA A 47 -6.81 -1.77 13.51
C ALA A 47 -7.60 -1.16 12.36
N ILE A 48 -8.72 -0.51 12.69
CA ILE A 48 -9.56 0.12 11.67
C ILE A 48 -9.96 -0.88 10.60
N THR A 49 -9.93 -2.17 10.94
CA THR A 49 -10.29 -3.22 10.01
C THR A 49 -11.75 -3.65 10.18
N GLY A 50 -12.39 -3.98 9.07
CA GLY A 50 -13.79 -4.39 9.12
C GLY A 50 -14.59 -3.86 7.96
N GLY B 1 -3.21 13.24 -20.22
CA GLY B 1 -3.24 13.27 -18.74
C GLY B 1 -2.34 14.35 -18.16
N SER B 2 -2.95 15.31 -17.47
CA SER B 2 -2.20 16.41 -16.86
C SER B 2 -2.84 16.85 -15.55
N THR B 3 -4.15 17.07 -15.59
CA THR B 3 -4.88 17.50 -14.40
C THR B 3 -5.64 16.33 -13.77
N LEU B 4 -6.14 15.44 -14.61
CA LEU B 4 -6.88 14.28 -14.15
C LEU B 4 -6.12 12.99 -14.43
N PRO B 5 -5.07 12.71 -13.65
CA PRO B 5 -4.25 11.51 -13.82
C PRO B 5 -4.97 10.24 -13.35
N ILE B 6 -5.68 10.36 -12.24
CA ILE B 6 -6.42 9.22 -11.68
C ILE B 6 -7.63 9.70 -10.88
N PRO B 7 -8.82 9.70 -11.47
CA PRO B 7 -10.06 10.14 -10.80
C PRO B 7 -10.40 9.26 -9.60
N GLY B 8 -10.41 7.95 -9.82
CA GLY B 8 -10.73 7.02 -8.75
C GLY B 8 -9.80 5.80 -8.72
N THR B 9 -9.39 5.33 -9.90
CA THR B 9 -8.51 4.18 -9.98
C THR B 9 -7.23 4.40 -9.20
N PRO B 10 -6.63 3.32 -8.66
CA PRO B 10 -5.39 3.39 -7.87
C PRO B 10 -4.25 4.04 -8.66
N PRO B 11 -3.07 4.18 -8.03
CA PRO B 11 -1.90 4.79 -8.67
C PRO B 11 -1.56 4.12 -10.01
N PRO B 12 -0.42 4.49 -10.61
CA PRO B 12 0.02 3.94 -11.90
C PRO B 12 0.00 2.41 -11.91
N ASN B 13 -0.66 1.85 -12.91
CA ASN B 13 -0.75 0.40 -13.04
C ASN B 13 0.63 -0.23 -13.18
N TYR B 14 0.75 -1.48 -12.76
CA TYR B 14 2.03 -2.19 -12.84
C TYR B 14 2.48 -2.32 -14.29
N ASP B 15 1.52 -2.57 -15.18
CA ASP B 15 1.82 -2.72 -16.60
C ASP B 15 2.34 -1.42 -17.19
N SER B 16 1.92 -0.30 -16.60
CA SER B 16 2.35 1.02 -17.06
C SER B 16 3.68 1.41 -16.43
N LEU B 17 3.97 0.84 -15.26
CA LEU B 17 5.20 1.12 -14.55
C LEU B 17 6.39 0.44 -15.23
N GLY A 1 15.07 -4.44 27.95
CA GLY A 1 14.69 -5.57 27.06
C GLY A 1 14.96 -5.27 25.59
N SER A 2 15.62 -6.20 24.92
CA SER A 2 15.96 -6.03 23.50
C SER A 2 14.69 -5.81 22.68
N PRO A 3 14.80 -5.08 21.56
CA PRO A 3 13.66 -4.80 20.67
C PRO A 3 13.06 -6.08 20.09
N VAL A 4 11.87 -6.44 20.58
CA VAL A 4 11.18 -7.63 20.11
C VAL A 4 9.69 -7.57 20.44
N ASP A 5 9.16 -6.36 20.52
CA ASP A 5 7.76 -6.16 20.83
C ASP A 5 7.21 -4.94 20.09
N SER A 6 6.77 -5.15 18.86
CA SER A 6 6.22 -4.07 18.03
C SER A 6 5.49 -4.63 16.82
N ASN A 7 5.33 -3.80 15.78
CA ASN A 7 4.65 -4.23 14.57
C ASN A 7 5.36 -3.67 13.33
N ASP A 8 6.55 -4.19 13.06
CA ASP A 8 7.32 -3.75 11.90
C ASP A 8 7.55 -4.91 10.92
N LEU A 9 6.73 -4.95 9.88
CA LEU A 9 6.85 -6.00 8.87
C LEU A 9 8.12 -5.84 8.06
N GLY A 10 8.49 -4.59 7.79
CA GLY A 10 9.68 -4.32 7.01
C GLY A 10 9.38 -3.69 5.67
N PRO A 11 10.20 -3.99 4.64
CA PRO A 11 10.01 -3.44 3.30
C PRO A 11 8.72 -3.94 2.65
N LEU A 12 7.58 -3.60 3.25
CA LEU A 12 6.29 -4.02 2.73
C LEU A 12 6.19 -5.54 2.68
N PRO A 13 4.97 -6.08 2.52
CA PRO A 13 4.74 -7.52 2.47
C PRO A 13 5.42 -8.17 1.25
N PRO A 14 5.40 -9.51 1.19
CA PRO A 14 6.01 -10.26 0.09
C PRO A 14 5.36 -9.95 -1.26
N GLY A 15 6.18 -9.70 -2.27
CA GLY A 15 5.66 -9.38 -3.59
C GLY A 15 5.20 -7.95 -3.73
N TRP A 16 5.24 -7.20 -2.63
CA TRP A 16 4.83 -5.79 -2.66
C TRP A 16 6.02 -4.88 -2.94
N GLU A 17 5.73 -3.63 -3.30
CA GLU A 17 6.77 -2.67 -3.61
C GLU A 17 6.31 -1.24 -3.31
N GLU A 18 7.23 -0.44 -2.78
CA GLU A 18 6.92 0.95 -2.46
C GLU A 18 7.36 1.86 -3.60
N ARG A 19 6.40 2.30 -4.42
CA ARG A 19 6.69 3.17 -5.54
C ARG A 19 6.23 4.60 -5.26
N THR A 20 7.03 5.57 -5.69
CA THR A 20 6.70 6.97 -5.47
C THR A 20 5.71 7.48 -6.52
N HIS A 21 4.65 8.12 -6.05
CA HIS A 21 3.62 8.66 -6.94
C HIS A 21 4.08 9.98 -7.56
N THR A 22 3.48 10.35 -8.68
CA THR A 22 3.82 11.58 -9.37
C THR A 22 3.69 12.79 -8.45
N ASP A 23 2.89 12.64 -7.39
CA ASP A 23 2.68 13.73 -6.44
C ASP A 23 3.71 13.69 -5.31
N GLY A 24 4.46 12.59 -5.22
CA GLY A 24 5.47 12.47 -4.18
C GLY A 24 5.08 11.45 -3.12
N ARG A 25 3.80 11.11 -3.05
CA ARG A 25 3.31 10.14 -2.09
C ARG A 25 3.61 8.72 -2.56
N VAL A 26 4.34 7.97 -1.74
CA VAL A 26 4.70 6.60 -2.09
C VAL A 26 3.53 5.64 -1.82
N PHE A 27 2.97 5.10 -2.89
CA PHE A 27 1.85 4.17 -2.79
C PHE A 27 2.35 2.72 -2.69
N PHE A 28 1.42 1.78 -2.54
CA PHE A 28 1.77 0.37 -2.44
C PHE A 28 1.30 -0.40 -3.67
N ILE A 29 2.05 -1.47 -4.01
CA ILE A 29 1.72 -2.29 -5.16
C ILE A 29 2.13 -3.74 -4.92
N ASN A 30 1.26 -4.68 -5.30
CA ASN A 30 1.55 -6.09 -5.12
C ASN A 30 2.09 -6.70 -6.42
N HIS A 31 2.69 -7.89 -6.31
CA HIS A 31 3.24 -8.58 -7.47
C HIS A 31 2.54 -9.91 -7.71
N ASN A 32 1.33 -10.05 -7.18
CA ASN A 32 0.55 -11.28 -7.34
C ASN A 32 -0.38 -11.16 -8.54
N ILE A 33 -1.15 -10.08 -8.57
CA ILE A 33 -2.09 -9.84 -9.66
C ILE A 33 -1.91 -8.43 -10.22
N LYS A 34 -0.71 -7.88 -10.04
CA LYS A 34 -0.39 -6.54 -10.51
C LYS A 34 -1.53 -5.56 -10.22
N LYS A 35 -1.57 -5.07 -8.99
CA LYS A 35 -2.60 -4.12 -8.57
C LYS A 35 -2.10 -3.21 -7.46
N THR A 36 -2.14 -1.91 -7.71
CA THR A 36 -1.69 -0.93 -6.71
C THR A 36 -2.86 -0.39 -5.90
N GLN A 37 -2.55 0.26 -4.79
CA GLN A 37 -3.58 0.82 -3.92
C GLN A 37 -3.02 1.92 -3.03
N TRP A 38 -3.81 2.96 -2.80
CA TRP A 38 -3.39 4.07 -1.96
C TRP A 38 -3.37 3.67 -0.50
N GLU A 39 -4.33 2.82 -0.11
CA GLU A 39 -4.43 2.35 1.27
C GLU A 39 -3.19 1.56 1.67
N ASP A 40 -3.08 1.27 2.97
CA ASP A 40 -1.94 0.52 3.49
C ASP A 40 -2.32 -0.95 3.69
N PRO A 41 -1.72 -1.87 2.91
CA PRO A 41 -2.02 -3.29 3.02
C PRO A 41 -1.31 -3.95 4.21
N ARG A 42 -0.08 -3.54 4.48
CA ARG A 42 0.70 -4.08 5.59
C ARG A 42 0.19 -3.55 6.92
N MET A 43 -0.43 -2.38 6.89
CA MET A 43 -0.96 -1.76 8.11
C MET A 43 -2.39 -2.22 8.39
N GLN A 44 -2.81 -3.31 7.76
CA GLN A 44 -4.15 -3.83 7.95
C GLN A 44 -4.12 -5.28 8.41
N ASN A 45 -3.43 -5.53 9.52
CA ASN A 45 -3.32 -6.87 10.07
C ASN A 45 -2.84 -6.83 11.52
N VAL A 46 -1.80 -6.03 11.77
CA VAL A 46 -1.24 -5.89 13.11
C VAL A 46 -1.11 -7.24 13.82
N ALA A 47 -0.31 -8.14 13.24
CA ALA A 47 -0.09 -9.47 13.80
C ALA A 47 -1.37 -10.07 14.39
N ILE A 48 -2.06 -10.87 13.60
CA ILE A 48 -3.30 -11.50 14.04
C ILE A 48 -3.02 -12.75 14.87
N THR A 49 -1.89 -13.39 14.61
CA THR A 49 -1.50 -14.60 15.33
C THR A 49 -0.41 -14.30 16.35
N GLY A 50 -0.59 -14.82 17.56
CA GLY A 50 0.38 -14.60 18.62
C GLY A 50 -0.27 -14.37 19.97
N GLY B 1 -2.33 17.82 -2.03
CA GLY B 1 -3.35 18.63 -2.73
C GLY B 1 -4.63 18.77 -1.93
N SER B 2 -4.96 19.99 -1.54
CA SER B 2 -6.17 20.25 -0.77
C SER B 2 -7.41 20.16 -1.65
N THR B 3 -7.25 20.55 -2.91
CA THR B 3 -8.36 20.51 -3.86
C THR B 3 -8.50 19.13 -4.49
N LEU B 4 -7.35 18.52 -4.80
CA LEU B 4 -7.33 17.20 -5.41
C LEU B 4 -6.66 16.17 -4.49
N PRO B 5 -7.26 15.92 -3.31
CA PRO B 5 -6.71 14.97 -2.35
C PRO B 5 -6.89 13.51 -2.78
N ILE B 6 -7.98 13.25 -3.49
CA ILE B 6 -8.26 11.90 -3.97
C ILE B 6 -8.55 11.89 -5.47
N PRO B 7 -7.52 11.64 -6.29
CA PRO B 7 -7.66 11.60 -7.75
C PRO B 7 -8.82 10.71 -8.19
N GLY B 8 -8.94 9.56 -7.56
CA GLY B 8 -10.01 8.64 -7.90
C GLY B 8 -9.54 7.20 -8.00
N THR B 9 -8.99 6.82 -9.15
CA THR B 9 -8.50 5.47 -9.36
C THR B 9 -7.11 5.28 -8.76
N PRO B 10 -6.70 4.02 -8.50
CA PRO B 10 -5.40 3.72 -7.93
C PRO B 10 -4.25 4.32 -8.73
N PRO B 11 -3.05 4.39 -8.14
CA PRO B 11 -1.87 4.94 -8.81
C PRO B 11 -1.63 4.33 -10.19
N PRO B 12 -0.52 4.68 -10.85
CA PRO B 12 -0.18 4.16 -12.18
C PRO B 12 -0.19 2.63 -12.22
N ASN B 13 -0.78 2.08 -13.28
CA ASN B 13 -0.85 0.64 -13.43
C ASN B 13 0.55 0.02 -13.48
N TYR B 14 0.65 -1.24 -13.05
CA TYR B 14 1.93 -1.93 -13.03
C TYR B 14 2.50 -2.06 -14.45
N ASP B 15 1.66 -2.46 -15.39
CA ASP B 15 2.08 -2.61 -16.78
C ASP B 15 2.51 -1.28 -17.37
N SER B 16 2.00 -0.19 -16.81
CA SER B 16 2.32 1.15 -17.29
C SER B 16 3.66 1.62 -16.72
N LEU B 17 4.07 1.03 -15.59
CA LEU B 17 5.33 1.40 -14.95
C LEU B 17 6.51 0.85 -15.74
#